data_3AM6
#
_entry.id   3AM6
#
_cell.length_a   84.120
_cell.length_b   110.487
_cell.length_c   129.116
_cell.angle_alpha   90.00
_cell.angle_beta   90.00
_cell.angle_gamma   90.00
#
_symmetry.space_group_name_H-M   'P 21 21 21'
#
loop_
_entity.id
_entity.type
_entity.pdbx_description
1 polymer rhodopsin-2
2 non-polymer RETINAL
3 non-polymer CHOLESTEROL
#
_entity_poly.entity_id   1
_entity_poly.type   'polypeptide(L)'
_entity_poly.pdbx_seq_one_letter_code
;MADVETETGMIAQWIVFAIMAAAAIAFGVAVHFRPSELKSAYYINIAICTIAATAYYAMAVNYQDLTMNGERQVVYARYI
DWVLTTPLLLLDLIVMTKMGGVMISWVIGADIFMIVFGILGAFEDEHKFKWVYFIAGCVMQAVLTYGMYNATWKDDLKKS
PEYHSSYVSLLVFLSILWVFYPVVWAFGSGSGVLSVDNEAILMGILDVLAKPLFGMGCLIAHETIFKKM
;
_entity_poly.pdbx_strand_id   A,B,C,D
#
loop_
_chem_comp.id
_chem_comp.type
_chem_comp.name
_chem_comp.formula
CLR non-polymer CHOLESTEROL 'C27 H46 O'
RET non-polymer RETINAL 'C20 H28 O'
#
# COMPACT_ATOMS: atom_id res chain seq x y z
N MET A 1 -40.88 1.48 5.01
CA MET A 1 -40.11 2.29 6.01
C MET A 1 -38.66 1.78 6.10
N ALA A 2 -37.86 2.42 6.96
CA ALA A 2 -36.47 2.03 7.13
C ALA A 2 -36.26 1.08 8.31
N ASP A 3 -35.31 0.16 8.13
CA ASP A 3 -34.95 -0.84 9.12
C ASP A 3 -33.76 -0.35 9.91
N VAL A 4 -33.98 0.02 11.17
CA VAL A 4 -32.91 0.52 12.01
C VAL A 4 -32.81 -0.29 13.31
N GLU A 5 -31.65 -0.28 13.96
CA GLU A 5 -31.49 -1.02 15.20
C GLU A 5 -32.35 -0.39 16.30
N THR A 6 -32.76 -1.20 17.26
CA THR A 6 -33.60 -0.73 18.36
C THR A 6 -33.08 -1.12 19.74
N GLU A 7 -33.89 -0.83 20.75
CA GLU A 7 -33.54 -1.15 22.13
C GLU A 7 -33.14 -2.62 22.16
N THR A 8 -33.91 -3.44 21.44
CA THR A 8 -33.65 -4.87 21.37
C THR A 8 -32.20 -5.12 20.94
N GLY A 9 -31.89 -4.79 19.70
CA GLY A 9 -30.54 -4.99 19.24
C GLY A 9 -29.59 -4.54 20.34
N MET A 10 -29.77 -3.30 20.80
CA MET A 10 -28.92 -2.77 21.85
C MET A 10 -28.71 -3.77 22.98
N ILE A 11 -29.82 -4.24 23.54
CA ILE A 11 -29.78 -5.21 24.63
C ILE A 11 -28.78 -6.29 24.29
N ALA A 12 -29.13 -7.09 23.29
CA ALA A 12 -28.31 -8.19 22.82
C ALA A 12 -26.84 -7.84 22.89
N GLN A 13 -26.46 -6.79 22.16
CA GLN A 13 -25.08 -6.33 22.12
C GLN A 13 -24.54 -6.15 23.53
N TRP A 14 -25.23 -5.36 24.30
CA TRP A 14 -24.84 -5.11 25.68
C TRP A 14 -24.50 -6.39 26.38
N ILE A 15 -25.33 -7.40 26.15
CA ILE A 15 -25.12 -8.71 26.75
C ILE A 15 -23.78 -9.26 26.29
N VAL A 16 -23.59 -9.29 24.97
CA VAL A 16 -22.33 -9.77 24.43
C VAL A 16 -21.18 -9.00 25.06
N PHE A 17 -21.38 -7.71 25.23
CA PHE A 17 -20.35 -6.90 25.83
C PHE A 17 -19.84 -7.56 27.09
N ALA A 18 -20.75 -7.74 28.03
CA ALA A 18 -20.43 -8.35 29.33
C ALA A 18 -19.62 -9.64 29.19
N ILE A 19 -20.15 -10.55 28.41
CA ILE A 19 -19.48 -11.81 28.18
C ILE A 19 -18.04 -11.56 27.76
N MET A 20 -17.86 -10.88 26.64
CA MET A 20 -16.53 -10.56 26.13
C MET A 20 -15.68 -10.00 27.24
N ALA A 21 -16.19 -8.94 27.86
CA ALA A 21 -15.51 -8.26 28.96
C ALA A 21 -14.98 -9.23 30.01
N ALA A 22 -15.85 -10.15 30.44
CA ALA A 22 -15.51 -11.14 31.46
C ALA A 22 -14.34 -12.01 30.97
N ALA A 23 -14.56 -12.66 29.83
CA ALA A 23 -13.54 -13.51 29.24
C ALA A 23 -12.24 -12.72 29.24
N ALA A 24 -12.34 -11.49 28.79
CA ALA A 24 -11.18 -10.62 28.76
C ALA A 24 -10.55 -10.61 30.14
N ILE A 25 -11.30 -10.13 31.14
CA ILE A 25 -10.79 -10.06 32.50
C ILE A 25 -10.26 -11.41 32.95
N ALA A 26 -11.06 -12.44 32.72
CA ALA A 26 -10.70 -13.79 33.11
C ALA A 26 -9.31 -14.19 32.60
N PHE A 27 -9.17 -14.22 31.28
CA PHE A 27 -7.89 -14.59 30.68
C PHE A 27 -6.89 -13.58 31.14
N GLY A 28 -7.28 -12.32 31.02
CA GLY A 28 -6.40 -11.22 31.42
C GLY A 28 -5.67 -11.49 32.71
N VAL A 29 -6.38 -12.01 33.71
CA VAL A 29 -5.75 -12.30 35.00
C VAL A 29 -5.01 -13.62 34.87
N ALA A 30 -5.78 -14.69 34.67
CA ALA A 30 -5.23 -16.02 34.54
C ALA A 30 -3.77 -16.02 34.07
N VAL A 31 -3.57 -15.54 32.85
CA VAL A 31 -2.25 -15.47 32.23
C VAL A 31 -1.10 -15.22 33.19
N HIS A 32 -1.29 -14.32 34.14
CA HIS A 32 -0.23 -14.01 35.09
C HIS A 32 0.17 -15.19 35.95
N PHE A 33 -0.57 -16.28 35.85
CA PHE A 33 -0.27 -17.45 36.67
C PHE A 33 0.06 -18.66 35.84
N ARG A 34 0.61 -18.42 34.66
CA ARG A 34 0.98 -19.50 33.77
C ARG A 34 2.46 -19.33 33.38
N PRO A 35 2.98 -20.22 32.52
CA PRO A 35 4.38 -20.16 32.07
C PRO A 35 4.58 -19.36 30.77
N LEU A 38 4.06 -20.46 27.63
CA LEU A 38 2.62 -20.70 27.60
C LEU A 38 1.76 -19.41 27.64
N LYS A 39 2.28 -18.34 28.24
CA LYS A 39 1.56 -17.08 28.33
C LYS A 39 0.96 -16.57 27.02
N SER A 40 1.67 -16.74 25.93
CA SER A 40 1.23 -16.26 24.62
C SER A 40 -0.18 -16.67 24.22
N ALA A 41 -0.47 -17.97 24.26
CA ALA A 41 -1.78 -18.47 23.89
C ALA A 41 -2.85 -17.64 24.58
N TYR A 42 -2.59 -17.31 25.84
CA TYR A 42 -3.50 -16.50 26.63
C TYR A 42 -3.66 -15.12 25.99
N TYR A 43 -2.54 -14.44 25.79
CA TYR A 43 -2.54 -13.12 25.17
C TYR A 43 -3.43 -13.08 23.92
N ILE A 44 -3.24 -14.04 23.04
CA ILE A 44 -4.03 -14.05 21.82
C ILE A 44 -5.50 -13.89 22.14
N ASN A 45 -6.02 -14.80 22.96
CA ASN A 45 -7.42 -14.75 23.29
C ASN A 45 -7.82 -13.57 24.16
N ILE A 46 -6.85 -12.97 24.85
CA ILE A 46 -7.18 -11.80 25.64
C ILE A 46 -7.52 -10.70 24.66
N ALA A 47 -6.63 -10.53 23.69
CA ALA A 47 -6.79 -9.53 22.66
C ALA A 47 -8.13 -9.69 21.99
N ILE A 48 -8.35 -10.87 21.43
CA ILE A 48 -9.58 -11.19 20.75
C ILE A 48 -10.81 -10.67 21.50
N CYS A 49 -11.00 -11.12 22.73
CA CYS A 49 -12.14 -10.70 23.53
C CYS A 49 -12.11 -9.22 23.91
N THR A 50 -10.94 -8.69 24.15
CA THR A 50 -10.86 -7.29 24.48
C THR A 50 -11.34 -6.51 23.27
N ILE A 51 -10.89 -6.93 22.10
CA ILE A 51 -11.29 -6.28 20.85
C ILE A 51 -12.81 -6.29 20.78
N ALA A 52 -13.38 -7.48 20.68
CA ALA A 52 -14.81 -7.65 20.59
C ALA A 52 -15.51 -6.76 21.60
N ALA A 53 -15.23 -7.01 22.88
CA ALA A 53 -15.81 -6.23 23.97
C ALA A 53 -15.92 -4.78 23.58
N THR A 54 -14.83 -4.22 23.07
CA THR A 54 -14.79 -2.83 22.67
C THR A 54 -15.78 -2.55 21.56
N ALA A 55 -15.68 -3.35 20.50
CA ALA A 55 -16.57 -3.22 19.34
C ALA A 55 -18.02 -3.26 19.77
N TYR A 56 -18.40 -4.28 20.51
CA TYR A 56 -19.77 -4.36 20.95
C TYR A 56 -20.13 -3.14 21.75
N TYR A 57 -19.22 -2.71 22.61
CA TYR A 57 -19.46 -1.54 23.44
C TYR A 57 -19.81 -0.33 22.60
N ALA A 58 -19.14 -0.20 21.46
CA ALA A 58 -19.41 0.92 20.59
C ALA A 58 -20.79 0.74 19.99
N MET A 59 -21.00 -0.38 19.33
CA MET A 59 -22.28 -0.68 18.68
C MET A 59 -23.44 -0.34 19.60
N ALA A 60 -23.32 -0.81 20.84
CA ALA A 60 -24.37 -0.62 21.81
C ALA A 60 -24.70 0.81 22.16
N VAL A 61 -23.68 1.60 22.46
CA VAL A 61 -23.92 2.97 22.84
C VAL A 61 -24.39 3.82 21.66
N ASN A 62 -24.17 3.35 20.45
CA ASN A 62 -24.54 4.12 19.28
C ASN A 62 -25.57 3.51 18.35
N TYR A 63 -26.36 2.58 18.84
CA TYR A 63 -27.36 1.97 17.98
C TYR A 63 -28.27 3.03 17.35
N GLN A 64 -28.17 4.27 17.83
CA GLN A 64 -28.99 5.38 17.34
C GLN A 64 -28.32 6.23 16.24
N ASP A 65 -27.02 6.41 16.33
CA ASP A 65 -26.26 7.19 15.33
C ASP A 65 -26.14 6.31 14.10
N LEU A 66 -27.17 6.40 13.26
CA LEU A 66 -27.27 5.59 12.06
C LEU A 66 -26.71 6.08 10.72
N THR A 67 -25.80 5.29 10.16
CA THR A 67 -25.24 5.56 8.84
C THR A 67 -25.97 4.47 8.06
N MET A 68 -26.49 4.81 6.89
CA MET A 68 -27.26 3.83 6.13
C MET A 68 -26.99 3.63 4.66
N ASN A 69 -27.08 2.36 4.26
CA ASN A 69 -26.89 1.97 2.87
C ASN A 69 -28.30 1.60 2.43
N GLY A 70 -28.94 2.51 1.72
CA GLY A 70 -30.32 2.29 1.31
C GLY A 70 -31.19 2.73 2.47
N GLU A 71 -32.27 2.00 2.75
CA GLU A 71 -33.14 2.33 3.86
C GLU A 71 -33.00 1.26 4.94
N ARG A 72 -31.74 0.89 5.20
CA ARG A 72 -31.41 -0.10 6.21
C ARG A 72 -30.06 0.29 6.80
N GLN A 73 -30.02 0.54 8.10
CA GLN A 73 -28.79 0.92 8.80
C GLN A 73 -27.75 -0.19 8.80
N VAL A 74 -26.50 0.19 8.63
CA VAL A 74 -25.44 -0.80 8.64
C VAL A 74 -24.60 -0.60 9.90
N VAL A 75 -24.54 -1.63 10.74
CA VAL A 75 -23.75 -1.58 11.96
C VAL A 75 -22.38 -2.12 11.60
N TYR A 76 -21.56 -1.26 11.02
CA TYR A 76 -20.25 -1.63 10.56
C TYR A 76 -19.20 -1.98 11.60
N ALA A 77 -19.29 -1.39 12.78
CA ALA A 77 -18.31 -1.67 13.81
C ALA A 77 -17.89 -3.13 13.84
N ARG A 78 -18.82 -4.03 13.52
CA ARG A 78 -18.53 -5.45 13.55
C ARG A 78 -17.44 -5.87 12.57
N TYR A 79 -17.41 -5.24 11.41
CA TYR A 79 -16.40 -5.60 10.40
C TYR A 79 -15.03 -5.30 10.96
N ILE A 80 -14.92 -4.19 11.66
CA ILE A 80 -13.67 -3.82 12.27
C ILE A 80 -13.26 -4.95 13.19
N ASP A 81 -14.13 -5.25 14.14
CA ASP A 81 -13.89 -6.35 15.07
C ASP A 81 -13.35 -7.51 14.24
N TRP A 82 -14.23 -8.08 13.42
CA TRP A 82 -13.89 -9.21 12.57
C TRP A 82 -12.55 -9.11 11.90
N VAL A 83 -12.26 -7.97 11.28
CA VAL A 83 -10.99 -7.84 10.56
C VAL A 83 -9.82 -8.05 11.50
N LEU A 84 -9.97 -7.65 12.74
CA LEU A 84 -8.89 -7.78 13.70
C LEU A 84 -8.89 -9.13 14.41
N THR A 85 -10.08 -9.60 14.74
CA THR A 85 -10.22 -10.84 15.48
C THR A 85 -10.01 -12.09 14.65
N THR A 86 -10.71 -12.18 13.52
CA THR A 86 -10.59 -13.35 12.65
C THR A 86 -9.13 -13.75 12.41
N PRO A 87 -8.25 -12.79 12.06
CA PRO A 87 -6.87 -13.25 11.86
C PRO A 87 -6.33 -13.90 13.13
N LEU A 88 -6.58 -13.27 14.27
CA LEU A 88 -6.12 -13.80 15.54
C LEU A 88 -6.70 -15.17 15.84
N LEU A 89 -7.89 -15.44 15.34
CA LEU A 89 -8.51 -16.73 15.59
C LEU A 89 -7.83 -17.83 14.83
N LEU A 90 -7.47 -17.55 13.57
CA LEU A 90 -6.77 -18.54 12.75
C LEU A 90 -5.45 -18.87 13.45
N LEU A 91 -4.77 -17.81 13.88
CA LEU A 91 -3.51 -17.93 14.58
C LEU A 91 -3.64 -18.90 15.75
N ASP A 92 -4.70 -18.75 16.52
CA ASP A 92 -4.94 -19.62 17.67
C ASP A 92 -4.72 -21.07 17.29
N LEU A 93 -4.97 -21.37 16.02
CA LEU A 93 -4.81 -22.73 15.54
C LEU A 93 -3.43 -22.91 14.91
N ILE A 94 -3.03 -21.90 14.14
CA ILE A 94 -1.74 -21.94 13.47
C ILE A 94 -0.59 -22.32 14.40
N VAL A 95 -0.67 -21.89 15.66
CA VAL A 95 0.37 -22.17 16.62
C VAL A 95 0.43 -23.65 16.95
N MET A 96 -0.70 -24.34 16.77
CA MET A 96 -0.72 -25.76 17.04
C MET A 96 -0.09 -26.51 15.88
N THR A 97 0.27 -25.79 14.82
CA THR A 97 0.91 -26.38 13.64
C THR A 97 2.32 -25.85 13.39
N LYS A 98 3.02 -26.51 12.48
CA LYS A 98 4.36 -26.10 12.11
C LYS A 98 4.34 -25.38 10.78
N MET A 99 3.17 -24.84 10.44
CA MET A 99 2.94 -24.11 9.19
C MET A 99 4.02 -23.03 8.94
N GLY A 100 4.41 -22.86 7.68
CA GLY A 100 5.43 -21.87 7.35
C GLY A 100 4.98 -20.44 7.19
N GLY A 101 5.81 -19.50 7.62
CA GLY A 101 5.48 -18.10 7.51
C GLY A 101 4.77 -17.76 6.21
N VAL A 102 5.45 -18.04 5.10
CA VAL A 102 4.91 -17.79 3.78
C VAL A 102 3.45 -18.21 3.69
N MET A 103 3.13 -19.39 4.22
CA MET A 103 1.76 -19.89 4.16
C MET A 103 0.86 -19.14 5.11
N ILE A 104 1.39 -18.80 6.27
CA ILE A 104 0.61 -18.07 7.24
C ILE A 104 0.08 -16.84 6.53
N SER A 105 1.01 -16.03 6.04
CA SER A 105 0.66 -14.81 5.36
C SER A 105 -0.46 -15.01 4.35
N TRP A 106 -0.45 -16.16 3.70
CA TRP A 106 -1.47 -16.41 2.70
C TRP A 106 -2.84 -16.62 3.33
N VAL A 107 -2.93 -17.49 4.33
CA VAL A 107 -4.22 -17.69 4.95
C VAL A 107 -4.71 -16.36 5.53
N ILE A 108 -3.81 -15.66 6.22
CA ILE A 108 -4.14 -14.39 6.83
C ILE A 108 -4.59 -13.37 5.79
N GLY A 109 -3.75 -13.15 4.79
CA GLY A 109 -4.09 -12.21 3.75
C GLY A 109 -5.49 -12.49 3.23
N ALA A 110 -5.73 -13.75 2.87
CA ALA A 110 -7.03 -14.17 2.36
C ALA A 110 -8.11 -13.73 3.30
N ASP A 111 -7.95 -14.12 4.55
CA ASP A 111 -8.89 -13.78 5.60
C ASP A 111 -9.24 -12.29 5.54
N ILE A 112 -8.25 -11.43 5.78
CA ILE A 112 -8.47 -9.99 5.76
C ILE A 112 -9.37 -9.49 4.63
N PHE A 113 -9.08 -9.91 3.40
CA PHE A 113 -9.88 -9.50 2.26
C PHE A 113 -11.30 -10.01 2.41
N MET A 114 -11.43 -11.24 2.89
CA MET A 114 -12.76 -11.80 3.08
C MET A 114 -13.58 -10.76 3.81
N ILE A 115 -13.02 -10.25 4.89
CA ILE A 115 -13.74 -9.26 5.64
C ILE A 115 -14.00 -8.03 4.81
N VAL A 116 -12.95 -7.37 4.35
CA VAL A 116 -13.12 -6.15 3.56
C VAL A 116 -14.18 -6.29 2.48
N PHE A 117 -14.16 -7.39 1.74
CA PHE A 117 -15.15 -7.56 0.70
C PHE A 117 -16.50 -7.37 1.35
N GLY A 118 -16.69 -8.09 2.45
CA GLY A 118 -17.95 -7.99 3.17
C GLY A 118 -18.27 -6.53 3.42
N ILE A 119 -17.32 -5.80 3.97
CA ILE A 119 -17.53 -4.39 4.25
C ILE A 119 -17.91 -3.69 2.97
N LEU A 120 -17.21 -4.00 1.89
CA LEU A 120 -17.50 -3.37 0.61
C LEU A 120 -18.94 -3.61 0.23
N GLY A 121 -19.34 -4.88 0.28
CA GLY A 121 -20.72 -5.22 -0.05
C GLY A 121 -21.70 -4.53 0.86
N ALA A 122 -21.38 -4.52 2.16
CA ALA A 122 -22.23 -3.89 3.18
C ALA A 122 -22.61 -2.44 2.88
N PHE A 123 -21.77 -1.76 2.14
CA PHE A 123 -22.03 -0.37 1.79
C PHE A 123 -22.34 -0.16 0.31
N GLU A 124 -22.57 -1.24 -0.43
CA GLU A 124 -22.87 -1.11 -1.83
C GLU A 124 -24.37 -0.94 -2.09
N ASP A 125 -24.70 -0.08 -3.05
CA ASP A 125 -26.09 0.15 -3.43
C ASP A 125 -26.55 -0.93 -4.39
N GLU A 126 -26.01 -0.87 -5.61
CA GLU A 126 -26.36 -1.83 -6.63
C GLU A 126 -26.27 -3.28 -6.19
N HIS A 127 -27.41 -3.94 -6.20
CA HIS A 127 -27.48 -5.33 -5.82
C HIS A 127 -26.47 -6.06 -6.72
N LYS A 128 -26.40 -5.61 -7.97
CA LYS A 128 -25.49 -6.17 -8.97
C LYS A 128 -24.06 -6.32 -8.45
N PHE A 129 -23.61 -5.34 -7.68
CA PHE A 129 -22.26 -5.38 -7.14
C PHE A 129 -22.22 -6.02 -5.77
N LYS A 130 -23.18 -5.61 -4.95
CA LYS A 130 -23.29 -6.14 -3.60
C LYS A 130 -22.94 -7.61 -3.60
N TRP A 131 -23.65 -8.37 -4.42
CA TRP A 131 -23.43 -9.79 -4.49
C TRP A 131 -22.08 -10.21 -5.04
N VAL A 132 -21.60 -9.48 -6.04
CA VAL A 132 -20.30 -9.82 -6.57
C VAL A 132 -19.33 -9.85 -5.41
N TYR A 133 -19.29 -8.75 -4.67
CA TYR A 133 -18.41 -8.66 -3.51
C TYR A 133 -18.63 -9.86 -2.61
N PHE A 134 -19.90 -10.16 -2.36
CA PHE A 134 -20.24 -11.28 -1.51
C PHE A 134 -19.52 -12.52 -1.99
N ILE A 135 -19.60 -12.77 -3.28
CA ILE A 135 -18.94 -13.95 -3.83
C ILE A 135 -17.48 -13.90 -3.44
N ALA A 136 -16.83 -12.80 -3.80
CA ALA A 136 -15.42 -12.59 -3.49
C ALA A 136 -15.04 -13.17 -2.13
N GLY A 137 -15.59 -12.59 -1.07
CA GLY A 137 -15.31 -13.04 0.27
C GLY A 137 -15.48 -14.54 0.42
N CYS A 138 -16.60 -15.07 -0.03
CA CYS A 138 -16.85 -16.51 0.07
C CYS A 138 -15.65 -17.21 -0.53
N VAL A 139 -15.23 -16.72 -1.68
CA VAL A 139 -14.07 -17.30 -2.36
C VAL A 139 -12.85 -17.20 -1.45
N MET A 140 -12.77 -16.12 -0.69
CA MET A 140 -11.66 -15.96 0.23
C MET A 140 -11.81 -16.97 1.35
N GLN A 141 -12.99 -16.97 1.97
CA GLN A 141 -13.24 -17.91 3.05
C GLN A 141 -12.86 -19.29 2.53
N ALA A 142 -13.16 -19.52 1.27
CA ALA A 142 -12.85 -20.80 0.64
C ALA A 142 -11.34 -21.04 0.67
N VAL A 143 -10.62 -20.25 -0.12
CA VAL A 143 -9.17 -20.35 -0.17
C VAL A 143 -8.66 -20.59 1.23
N LEU A 144 -8.88 -19.58 2.07
CA LEU A 144 -8.51 -19.60 3.45
C LEU A 144 -8.72 -20.97 4.09
N THR A 145 -9.95 -21.45 4.06
CA THR A 145 -10.29 -22.75 4.65
C THR A 145 -9.41 -23.86 4.08
N TYR A 146 -9.35 -23.94 2.75
CA TYR A 146 -8.55 -24.94 2.08
C TYR A 146 -7.17 -25.05 2.72
N GLY A 147 -6.42 -23.96 2.72
CA GLY A 147 -5.07 -23.96 3.29
C GLY A 147 -5.01 -24.50 4.70
N MET A 148 -5.97 -24.08 5.52
CA MET A 148 -6.04 -24.51 6.89
C MET A 148 -6.09 -26.02 6.99
N TYR A 149 -6.68 -26.66 5.98
CA TYR A 149 -6.79 -28.09 5.98
C TYR A 149 -5.56 -28.80 5.44
N ASN A 150 -4.74 -28.11 4.66
CA ASN A 150 -3.55 -28.75 4.14
C ASN A 150 -2.67 -29.17 5.30
N ALA A 151 -2.69 -28.38 6.36
CA ALA A 151 -1.90 -28.68 7.56
C ALA A 151 -2.57 -29.81 8.34
N THR A 152 -3.52 -30.46 7.69
CA THR A 152 -4.22 -31.57 8.30
C THR A 152 -3.63 -32.85 7.76
N TRP A 153 -3.72 -33.06 6.45
CA TRP A 153 -3.18 -34.28 5.86
C TRP A 153 -1.67 -34.17 5.61
N LYS A 154 -1.25 -33.09 4.96
CA LYS A 154 0.17 -32.87 4.67
C LYS A 154 0.91 -32.99 6.00
N ASP A 155 1.85 -33.92 6.06
CA ASP A 155 2.61 -34.23 7.27
C ASP A 155 3.40 -33.11 7.95
N ASP A 156 2.75 -31.99 8.26
CA ASP A 156 3.41 -30.85 8.90
C ASP A 156 2.43 -29.83 9.49
N LYS A 159 3.25 -30.08 14.18
CA LYS A 159 3.76 -30.38 15.53
C LYS A 159 3.40 -31.80 15.97
N SER A 160 3.44 -32.04 17.27
CA SER A 160 3.14 -33.34 17.89
C SER A 160 1.81 -33.97 17.50
N PRO A 161 1.69 -35.29 17.70
CA PRO A 161 0.44 -35.99 17.36
C PRO A 161 -0.76 -35.51 18.20
N GLU A 162 -0.48 -35.05 19.41
CA GLU A 162 -1.54 -34.55 20.28
C GLU A 162 -2.08 -33.29 19.61
N TYR A 163 -1.20 -32.31 19.44
CA TYR A 163 -1.56 -31.06 18.80
C TYR A 163 -2.34 -31.32 17.53
N HIS A 164 -1.70 -31.98 16.57
CA HIS A 164 -2.35 -32.30 15.31
C HIS A 164 -3.82 -32.63 15.53
N SER A 165 -4.06 -33.54 16.47
CA SER A 165 -5.42 -33.91 16.76
C SER A 165 -6.26 -32.70 17.21
N SER A 166 -5.88 -32.10 18.34
CA SER A 166 -6.61 -30.96 18.85
C SER A 166 -6.85 -29.97 17.71
N TYR A 167 -5.81 -29.72 16.93
CA TYR A 167 -5.88 -28.82 15.79
C TYR A 167 -7.06 -29.23 14.93
N VAL A 168 -6.97 -30.42 14.35
CA VAL A 168 -8.03 -30.93 13.50
C VAL A 168 -9.34 -30.58 14.14
N SER A 169 -9.52 -31.12 15.34
CA SER A 169 -10.72 -30.90 16.11
C SER A 169 -11.21 -29.45 15.99
N LEU A 170 -10.60 -28.57 16.76
CA LEU A 170 -10.96 -27.16 16.76
C LEU A 170 -11.28 -26.63 15.37
N LEU A 171 -10.47 -26.99 14.38
CA LEU A 171 -10.69 -26.53 13.02
C LEU A 171 -12.07 -26.87 12.48
N VAL A 172 -12.39 -28.15 12.48
CA VAL A 172 -13.70 -28.55 11.97
C VAL A 172 -14.76 -27.72 12.67
N PHE A 173 -14.53 -27.43 13.95
CA PHE A 173 -15.49 -26.65 14.69
C PHE A 173 -15.51 -25.22 14.13
N LEU A 174 -14.34 -24.60 14.00
CA LEU A 174 -14.27 -23.25 13.48
C LEU A 174 -14.75 -23.19 12.03
N SER A 175 -14.22 -24.09 11.21
CA SER A 175 -14.56 -24.16 9.80
C SER A 175 -16.07 -24.13 9.52
N ILE A 176 -16.81 -25.02 10.17
CA ILE A 176 -18.24 -25.08 9.98
C ILE A 176 -18.93 -23.82 10.49
N LEU A 177 -18.71 -23.54 11.76
CA LEU A 177 -19.29 -22.37 12.37
C LEU A 177 -19.23 -21.13 11.45
N TRP A 178 -18.02 -20.76 11.05
CA TRP A 178 -17.82 -19.59 10.22
C TRP A 178 -18.73 -19.43 9.01
N VAL A 179 -18.98 -20.52 8.29
CA VAL A 179 -19.85 -20.44 7.12
C VAL A 179 -21.21 -19.85 7.50
N PHE A 180 -21.52 -19.81 8.79
CA PHE A 180 -22.78 -19.25 9.18
C PHE A 180 -22.82 -17.75 9.08
N TYR A 181 -21.69 -17.12 9.35
CA TYR A 181 -21.63 -15.67 9.24
C TYR A 181 -22.14 -15.23 7.89
N PRO A 182 -21.48 -15.66 6.82
CA PRO A 182 -21.87 -15.28 5.47
C PRO A 182 -23.33 -15.57 5.21
N VAL A 183 -23.83 -16.64 5.78
CA VAL A 183 -25.22 -16.98 5.59
C VAL A 183 -26.07 -15.89 6.22
N VAL A 184 -25.84 -15.62 7.50
CA VAL A 184 -26.62 -14.60 8.17
C VAL A 184 -26.50 -13.28 7.44
N TRP A 185 -25.27 -12.93 7.11
CA TRP A 185 -25.01 -11.69 6.40
C TRP A 185 -25.92 -11.67 5.19
N ALA A 186 -25.65 -12.56 4.25
CA ALA A 186 -26.43 -12.66 3.03
C ALA A 186 -27.89 -12.34 3.29
N PHE A 187 -28.42 -12.86 4.39
CA PHE A 187 -29.81 -12.64 4.74
C PHE A 187 -30.20 -11.22 5.11
N GLY A 188 -29.55 -10.67 6.13
CA GLY A 188 -29.89 -9.32 6.54
C GLY A 188 -29.05 -8.25 5.85
N SER A 189 -27.88 -8.01 6.42
CA SER A 189 -26.95 -7.04 5.90
C SER A 189 -26.91 -7.04 4.38
N GLY A 190 -27.04 -8.24 3.79
CA GLY A 190 -26.98 -8.35 2.35
C GLY A 190 -28.32 -8.25 1.65
N SER A 191 -29.24 -9.14 2.01
CA SER A 191 -30.56 -9.17 1.38
C SER A 191 -31.52 -8.17 1.97
N GLY A 192 -31.72 -8.23 3.27
CA GLY A 192 -32.64 -7.32 3.90
C GLY A 192 -33.79 -8.10 4.49
N VAL A 193 -33.95 -9.33 4.05
CA VAL A 193 -35.01 -10.21 4.55
C VAL A 193 -34.89 -10.44 6.06
N LEU A 194 -33.79 -9.98 6.64
CA LEU A 194 -33.53 -10.15 8.05
C LEU A 194 -33.44 -8.80 8.76
N SER A 195 -34.03 -8.70 9.93
CA SER A 195 -34.00 -7.43 10.68
C SER A 195 -32.60 -7.07 11.15
N VAL A 196 -32.39 -5.79 11.38
CA VAL A 196 -31.10 -5.35 11.87
C VAL A 196 -30.88 -5.99 13.25
N ASP A 197 -31.92 -6.03 14.07
CA ASP A 197 -31.85 -6.60 15.41
C ASP A 197 -31.57 -8.08 15.38
N ASN A 198 -32.41 -8.80 14.64
CA ASN A 198 -32.23 -10.24 14.53
C ASN A 198 -30.82 -10.58 14.04
N GLU A 199 -30.39 -9.89 12.99
CA GLU A 199 -29.04 -10.09 12.46
C GLU A 199 -28.07 -9.94 13.65
N ALA A 200 -28.15 -8.80 14.33
CA ALA A 200 -27.33 -8.52 15.49
C ALA A 200 -27.32 -9.69 16.46
N ILE A 201 -28.51 -10.17 16.83
CA ILE A 201 -28.64 -11.28 17.76
C ILE A 201 -27.97 -12.52 17.20
N LEU A 202 -28.30 -12.82 15.95
CA LEU A 202 -27.71 -13.99 15.29
C LEU A 202 -26.19 -13.83 15.27
N MET A 203 -25.71 -12.77 14.62
CA MET A 203 -24.27 -12.53 14.58
C MET A 203 -23.80 -12.68 16.02
N GLY A 204 -24.40 -11.89 16.91
CA GLY A 204 -24.04 -11.94 18.31
C GLY A 204 -23.88 -13.36 18.84
N ILE A 205 -24.85 -14.21 18.54
CA ILE A 205 -24.80 -15.58 18.99
C ILE A 205 -23.54 -16.23 18.47
N LEU A 206 -23.29 -16.05 17.19
CA LEU A 206 -22.11 -16.64 16.59
C LEU A 206 -20.83 -16.19 17.30
N ASP A 207 -20.65 -14.88 17.37
CA ASP A 207 -19.47 -14.30 17.99
C ASP A 207 -19.08 -15.02 19.30
N VAL A 208 -20.04 -15.16 20.20
CA VAL A 208 -19.80 -15.80 21.48
C VAL A 208 -19.36 -17.26 21.34
N LEU A 209 -19.78 -17.89 20.27
CA LEU A 209 -19.37 -19.27 20.06
C LEU A 209 -17.96 -19.24 19.50
N ALA A 210 -17.79 -18.39 18.50
CA ALA A 210 -16.53 -18.26 17.80
C ALA A 210 -15.37 -17.71 18.64
N LYS A 211 -15.65 -16.83 19.59
CA LYS A 211 -14.59 -16.22 20.39
C LYS A 211 -14.33 -16.77 21.80
N PRO A 212 -15.20 -16.47 22.79
CA PRO A 212 -14.97 -16.98 24.15
C PRO A 212 -14.80 -18.51 24.19
N LEU A 213 -15.85 -19.22 23.77
CA LEU A 213 -15.87 -20.68 23.75
C LEU A 213 -14.65 -21.27 23.04
N PHE A 214 -14.43 -20.87 21.79
CA PHE A 214 -13.30 -21.33 21.03
C PHE A 214 -12.06 -21.12 21.89
N GLY A 215 -11.92 -19.89 22.38
CA GLY A 215 -10.80 -19.53 23.22
C GLY A 215 -10.53 -20.59 24.26
N MET A 216 -11.55 -20.89 25.07
CA MET A 216 -11.40 -21.90 26.11
C MET A 216 -10.86 -23.16 25.49
N GLY A 217 -11.54 -23.63 24.45
CA GLY A 217 -11.08 -24.82 23.78
C GLY A 217 -9.57 -24.79 23.63
N CYS A 218 -9.08 -23.77 22.93
CA CYS A 218 -7.67 -23.60 22.71
C CYS A 218 -6.88 -23.62 24.02
N LEU A 219 -7.16 -22.67 24.89
CA LEU A 219 -6.46 -22.59 26.15
C LEU A 219 -6.39 -23.97 26.81
N ILE A 220 -7.52 -24.66 26.87
CA ILE A 220 -7.53 -25.97 27.49
C ILE A 220 -6.55 -26.84 26.76
N ALA A 221 -6.80 -27.04 25.48
CA ALA A 221 -5.94 -27.86 24.64
C ALA A 221 -4.49 -27.61 25.00
N HIS A 222 -4.07 -26.36 24.90
CA HIS A 222 -2.70 -26.03 25.23
C HIS A 222 -2.36 -26.52 26.63
N GLU A 223 -3.05 -25.98 27.62
CA GLU A 223 -2.85 -26.37 29.01
C GLU A 223 -2.79 -27.90 29.13
N THR A 224 -3.70 -28.57 28.44
CA THR A 224 -3.77 -30.02 28.46
C THR A 224 -2.48 -30.64 27.97
N ILE A 225 -2.23 -30.44 26.68
CA ILE A 225 -1.03 -30.95 26.04
C ILE A 225 0.21 -30.64 26.87
N PHE A 226 0.42 -29.36 27.15
CA PHE A 226 1.57 -28.93 27.94
C PHE A 226 1.81 -29.87 29.11
N LYS A 227 0.74 -30.45 29.62
CA LYS A 227 0.82 -31.37 30.74
C LYS A 227 1.25 -32.75 30.23
N LYS A 228 1.81 -32.79 29.03
CA LYS A 228 2.26 -34.04 28.42
C LYS A 228 3.43 -33.81 27.45
N MET B 1 -20.34 14.56 -24.47
CA MET B 1 -21.12 13.29 -24.33
C MET B 1 -20.31 12.21 -23.60
N ALA B 2 -20.92 11.03 -23.43
CA ALA B 2 -20.26 9.94 -22.72
C ALA B 2 -19.63 8.94 -23.67
N ASP B 3 -18.49 8.42 -23.23
CA ASP B 3 -17.72 7.43 -24.00
C ASP B 3 -18.11 6.03 -23.51
N VAL B 4 -18.82 5.29 -24.35
CA VAL B 4 -19.25 3.94 -23.98
C VAL B 4 -18.80 2.94 -25.05
N GLU B 5 -18.66 1.66 -24.68
CA GLU B 5 -18.24 0.65 -25.64
C GLU B 5 -19.31 0.47 -26.70
N THR B 6 -18.89 0.05 -27.90
CA THR B 6 -19.82 -0.13 -29.00
C THR B 6 -19.68 -1.48 -29.68
N GLU B 7 -20.41 -1.65 -30.78
CA GLU B 7 -20.37 -2.89 -31.54
C GLU B 7 -18.91 -3.22 -31.80
N THR B 8 -18.14 -2.18 -32.12
CA THR B 8 -16.73 -2.34 -32.41
C THR B 8 -16.05 -3.03 -31.26
N GLY B 9 -15.96 -2.37 -30.12
CA GLY B 9 -15.33 -2.99 -28.99
C GLY B 9 -15.78 -4.42 -28.89
N MET B 10 -17.10 -4.61 -28.87
CA MET B 10 -17.66 -5.95 -28.77
C MET B 10 -16.94 -6.91 -29.72
N ILE B 11 -16.94 -6.57 -31.00
CA ILE B 11 -16.30 -7.38 -32.03
C ILE B 11 -14.94 -7.84 -31.50
N ALA B 12 -14.04 -6.89 -31.40
CA ALA B 12 -12.71 -7.15 -30.91
C ALA B 12 -12.69 -8.21 -29.82
N GLN B 13 -13.40 -7.93 -28.73
CA GLN B 13 -13.46 -8.85 -27.62
C GLN B 13 -13.84 -10.23 -28.09
N TRP B 14 -14.96 -10.30 -28.78
CA TRP B 14 -15.45 -11.56 -29.31
C TRP B 14 -14.33 -12.32 -30.00
N ILE B 15 -13.54 -11.59 -30.77
CA ILE B 15 -12.43 -12.18 -31.47
C ILE B 15 -11.48 -12.79 -30.45
N VAL B 16 -11.06 -11.97 -29.48
CA VAL B 16 -10.16 -12.46 -28.45
C VAL B 16 -10.75 -13.72 -27.82
N PHE B 17 -12.06 -13.68 -27.61
CA PHE B 17 -12.72 -14.82 -27.02
C PHE B 17 -12.29 -16.08 -27.72
N ALA B 18 -12.61 -16.15 -29.01
CA ALA B 18 -12.28 -17.30 -29.84
C ALA B 18 -10.83 -17.77 -29.65
N ILE B 19 -9.89 -16.86 -29.83
CA ILE B 19 -8.49 -17.18 -29.68
C ILE B 19 -8.26 -17.86 -28.34
N MET B 20 -8.62 -17.16 -27.26
CA MET B 20 -8.44 -17.71 -25.92
C MET B 20 -9.04 -19.11 -25.84
N ALA B 21 -10.32 -19.20 -26.22
CA ALA B 21 -11.06 -20.44 -26.24
C ALA B 21 -10.30 -21.59 -26.92
N ALA B 22 -9.76 -21.32 -28.10
CA ALA B 22 -9.00 -22.32 -28.86
C ALA B 22 -7.79 -22.77 -28.07
N ALA B 23 -6.94 -21.82 -27.71
CA ALA B 23 -5.74 -22.09 -26.94
C ALA B 23 -6.15 -22.98 -25.78
N ALA B 24 -7.24 -22.58 -25.14
CA ALA B 24 -7.75 -23.34 -24.02
C ALA B 24 -7.97 -24.77 -24.48
N ILE B 25 -8.84 -24.96 -25.47
CA ILE B 25 -9.12 -26.30 -25.97
C ILE B 25 -7.83 -27.00 -26.37
N ALA B 26 -7.00 -26.29 -27.14
CA ALA B 26 -5.74 -26.83 -27.62
C ALA B 26 -4.91 -27.45 -26.50
N PHE B 27 -4.49 -26.60 -25.56
CA PHE B 27 -3.70 -27.05 -24.45
C PHE B 27 -4.54 -28.07 -23.70
N GLY B 28 -5.79 -27.70 -23.44
CA GLY B 28 -6.69 -28.57 -22.73
C GLY B 28 -6.59 -30.01 -23.16
N VAL B 29 -6.51 -30.24 -24.47
CA VAL B 29 -6.41 -31.59 -24.97
C VAL B 29 -4.98 -32.05 -24.84
N ALA B 30 -4.12 -31.39 -25.61
CA ALA B 30 -2.69 -31.71 -25.61
C ALA B 30 -2.23 -32.37 -24.32
N VAL B 31 -2.33 -31.63 -23.23
CA VAL B 31 -1.90 -32.10 -21.92
C VAL B 31 -2.09 -33.60 -21.67
N HIS B 32 -3.22 -34.14 -22.09
CA HIS B 32 -3.51 -35.56 -21.89
C HIS B 32 -2.52 -36.46 -22.59
N PHE B 33 -1.66 -35.89 -23.41
CA PHE B 33 -0.69 -36.70 -24.16
C PHE B 33 0.74 -36.34 -23.82
N ARG B 34 0.95 -35.88 -22.60
CA ARG B 34 2.28 -35.50 -22.14
C ARG B 34 2.56 -36.26 -20.84
N PRO B 35 3.73 -36.00 -20.22
CA PRO B 35 4.13 -36.64 -18.94
C PRO B 35 3.76 -35.84 -17.69
N LEU B 38 5.47 -33.22 -16.41
CA LEU B 38 5.35 -32.21 -17.48
C LEU B 38 3.93 -31.63 -17.62
N LYS B 39 2.92 -32.42 -17.28
CA LYS B 39 1.54 -31.96 -17.38
C LYS B 39 1.24 -30.59 -16.76
N SER B 40 1.86 -30.30 -15.63
CA SER B 40 1.62 -29.04 -14.93
C SER B 40 1.74 -27.79 -15.78
N ALA B 41 2.89 -27.64 -16.43
CA ALA B 41 3.14 -26.46 -17.27
C ALA B 41 1.92 -26.20 -18.15
N TYR B 42 1.37 -27.29 -18.68
CA TYR B 42 0.18 -27.21 -19.50
C TYR B 42 -0.98 -26.64 -18.70
N TYR B 43 -1.29 -27.26 -17.56
CA TYR B 43 -2.37 -26.79 -16.72
C TYR B 43 -2.33 -25.29 -16.49
N ILE B 44 -1.15 -24.79 -16.15
CA ILE B 44 -1.02 -23.37 -15.90
C ILE B 44 -1.62 -22.58 -17.05
N ASN B 45 -1.09 -22.80 -18.24
CA ASN B 45 -1.58 -22.07 -19.39
C ASN B 45 -3.01 -22.40 -19.80
N ILE B 46 -3.49 -23.56 -19.40
CA ILE B 46 -4.86 -23.89 -19.73
C ILE B 46 -5.72 -22.93 -18.92
N ALA B 47 -5.41 -22.85 -17.64
CA ALA B 47 -6.14 -21.99 -16.73
C ALA B 47 -6.14 -20.59 -17.26
N ILE B 48 -4.94 -20.06 -17.49
CA ILE B 48 -4.78 -18.71 -17.97
C ILE B 48 -5.76 -18.39 -19.09
N CYS B 49 -5.68 -19.15 -20.17
CA CYS B 49 -6.57 -18.92 -21.31
C CYS B 49 -8.04 -19.17 -21.03
N THR B 50 -8.32 -20.16 -20.19
CA THR B 50 -9.69 -20.43 -19.87
C THR B 50 -10.23 -19.22 -19.13
N ILE B 51 -9.43 -18.69 -18.21
CA ILE B 51 -9.84 -17.51 -17.45
C ILE B 51 -10.19 -16.39 -18.43
N ALA B 52 -9.17 -15.97 -19.17
CA ALA B 52 -9.35 -14.90 -20.14
C ALA B 52 -10.61 -15.13 -20.94
N ALA B 53 -10.64 -16.25 -21.65
CA ALA B 53 -11.77 -16.64 -22.50
C ALA B 53 -13.07 -16.25 -21.84
N THR B 54 -13.18 -16.62 -20.57
CA THR B 54 -14.36 -16.33 -19.79
C THR B 54 -14.57 -14.82 -19.63
N ALA B 55 -13.54 -14.13 -19.15
CA ALA B 55 -13.61 -12.70 -18.95
C ALA B 55 -14.05 -11.98 -20.22
N TYR B 56 -13.38 -12.29 -21.32
CA TYR B 56 -13.73 -11.65 -22.58
C TYR B 56 -15.17 -11.97 -22.93
N TYR B 57 -15.54 -13.22 -22.71
CA TYR B 57 -16.91 -13.63 -22.99
C TYR B 57 -17.92 -12.76 -22.26
N ALA B 58 -17.59 -12.41 -21.03
CA ALA B 58 -18.48 -11.58 -20.24
C ALA B 58 -18.50 -10.19 -20.84
N MET B 59 -17.33 -9.58 -20.96
CA MET B 59 -17.22 -8.24 -21.50
C MET B 59 -18.03 -8.09 -22.77
N ALA B 60 -17.87 -9.07 -23.66
CA ALA B 60 -18.54 -9.04 -24.94
C ALA B 60 -20.06 -9.03 -24.87
N VAL B 61 -20.63 -9.96 -24.12
CA VAL B 61 -22.07 -10.04 -24.01
C VAL B 61 -22.70 -8.86 -23.27
N ASN B 62 -21.89 -8.14 -22.50
CA ASN B 62 -22.40 -7.03 -21.73
C ASN B 62 -21.84 -5.66 -22.04
N TYR B 63 -21.30 -5.48 -23.23
CA TYR B 63 -20.76 -4.19 -23.56
C TYR B 63 -21.82 -3.09 -23.42
N GLN B 64 -23.07 -3.50 -23.20
CA GLN B 64 -24.18 -2.56 -23.05
C GLN B 64 -24.52 -2.19 -21.60
N ASP B 65 -24.39 -3.17 -20.70
CA ASP B 65 -24.67 -2.97 -19.27
C ASP B 65 -23.52 -2.16 -18.69
N LEU B 66 -23.63 -0.85 -18.83
CA LEU B 66 -22.59 0.07 -18.41
C LEU B 66 -22.57 0.65 -17.01
N THR B 67 -21.47 0.41 -16.30
CA THR B 67 -21.26 0.97 -14.97
C THR B 67 -20.24 2.03 -15.33
N MET B 68 -20.39 3.24 -14.82
CA MET B 68 -19.47 4.31 -15.20
C MET B 68 -18.83 5.20 -14.14
N ASN B 69 -17.57 5.52 -14.39
CA ASN B 69 -16.80 6.39 -13.50
C ASN B 69 -16.68 7.66 -14.31
N GLY B 70 -17.53 8.63 -13.97
CA GLY B 70 -17.54 9.88 -14.70
C GLY B 70 -18.44 9.64 -15.89
N GLU B 71 -18.10 10.20 -17.04
CA GLU B 71 -18.90 10.02 -18.24
C GLU B 71 -18.13 9.12 -19.20
N ARG B 72 -17.57 8.04 -18.65
CA ARG B 72 -16.83 7.07 -19.43
C ARG B 72 -17.00 5.72 -18.76
N GLN B 73 -17.55 4.77 -19.50
CA GLN B 73 -17.77 3.41 -18.99
C GLN B 73 -16.47 2.67 -18.67
N VAL B 74 -16.48 1.92 -17.58
CA VAL B 74 -15.30 1.18 -17.22
C VAL B 74 -15.61 -0.31 -17.39
N VAL B 75 -14.84 -0.96 -18.24
CA VAL B 75 -15.00 -2.40 -18.50
C VAL B 75 -14.08 -3.10 -17.52
N TYR B 76 -14.55 -3.25 -16.29
CA TYR B 76 -13.76 -3.84 -15.23
C TYR B 76 -13.46 -5.30 -15.29
N ALA B 77 -14.32 -6.08 -15.92
CA ALA B 77 -14.09 -7.51 -16.01
C ALA B 77 -12.62 -7.85 -16.25
N ARG B 78 -11.93 -6.98 -17.01
CA ARG B 78 -10.53 -7.21 -17.32
C ARG B 78 -9.63 -7.28 -16.09
N TYR B 79 -9.90 -6.43 -15.11
CA TYR B 79 -9.09 -6.43 -13.91
C TYR B 79 -9.17 -7.77 -13.23
N ILE B 80 -10.36 -8.34 -13.24
CA ILE B 80 -10.55 -9.64 -12.65
C ILE B 80 -9.62 -10.61 -13.36
N ASP B 81 -9.78 -10.69 -14.68
CA ASP B 81 -8.93 -11.55 -15.50
C ASP B 81 -7.50 -11.35 -15.02
N TRP B 82 -7.00 -10.15 -15.23
CA TRP B 82 -5.64 -9.77 -14.87
C TRP B 82 -5.20 -10.21 -13.49
N VAL B 83 -6.04 -9.96 -12.49
CA VAL B 83 -5.67 -10.34 -11.14
C VAL B 83 -5.42 -11.83 -11.01
N LEU B 84 -6.18 -12.62 -11.77
CA LEU B 84 -6.03 -14.07 -11.72
C LEU B 84 -4.97 -14.61 -12.67
N THR B 85 -4.90 -14.02 -13.86
CA THR B 85 -3.96 -14.47 -14.85
C THR B 85 -2.52 -14.02 -14.61
N THR B 86 -2.32 -12.73 -14.37
CA THR B 86 -0.98 -12.20 -14.15
C THR B 86 -0.16 -13.04 -13.16
N PRO B 87 -0.74 -13.38 -11.99
CA PRO B 87 0.08 -14.19 -11.09
C PRO B 87 0.48 -15.52 -11.77
N LEU B 88 -0.46 -16.15 -12.45
CA LEU B 88 -0.19 -17.39 -13.14
C LEU B 88 0.87 -17.22 -14.22
N LEU B 89 0.97 -16.02 -14.78
CA LEU B 89 1.95 -15.79 -15.82
C LEU B 89 3.34 -15.73 -15.26
N LEU B 90 3.47 -15.10 -14.10
CA LEU B 90 4.77 -15.00 -13.45
C LEU B 90 5.22 -16.40 -13.12
N LEU B 91 4.30 -17.18 -12.59
CA LEU B 91 4.56 -18.56 -12.22
C LEU B 91 5.14 -19.32 -13.39
N ASP B 92 4.54 -19.15 -14.56
CA ASP B 92 5.00 -19.83 -15.77
C ASP B 92 6.50 -19.72 -15.90
N LEU B 93 7.06 -18.64 -15.35
CA LEU B 93 8.49 -18.42 -15.40
C LEU B 93 9.14 -18.93 -14.12
N ILE B 94 8.50 -18.66 -13.00
CA ILE B 94 9.02 -19.07 -11.70
C ILE B 94 9.42 -20.53 -11.65
N VAL B 95 8.67 -21.37 -12.36
CA VAL B 95 8.96 -22.80 -12.38
C VAL B 95 10.28 -23.08 -13.08
N MET B 96 10.70 -22.19 -13.96
CA MET B 96 11.95 -22.37 -14.66
C MET B 96 13.11 -22.01 -13.75
N THR B 97 12.78 -21.45 -12.58
CA THR B 97 13.79 -21.06 -11.60
C THR B 97 13.70 -21.83 -10.29
N LYS B 98 14.74 -21.69 -9.46
CA LYS B 98 14.77 -22.36 -8.17
C LYS B 98 14.44 -21.36 -7.06
N MET B 99 13.72 -20.30 -7.44
CA MET B 99 13.30 -19.24 -6.53
C MET B 99 12.62 -19.79 -5.27
N GLY B 100 12.88 -19.15 -4.13
CA GLY B 100 12.29 -19.60 -2.87
C GLY B 100 10.87 -19.16 -2.57
N GLY B 101 10.10 -20.04 -1.93
CA GLY B 101 8.73 -19.73 -1.60
C GLY B 101 8.56 -18.30 -1.12
N VAL B 102 9.29 -17.96 -0.07
CA VAL B 102 9.25 -16.61 0.51
C VAL B 102 9.31 -15.53 -0.55
N MET B 103 10.20 -15.70 -1.52
CA MET B 103 10.34 -14.71 -2.60
C MET B 103 9.17 -14.76 -3.57
N ILE B 104 8.70 -15.96 -3.87
CA ILE B 104 7.56 -16.12 -4.75
C ILE B 104 6.44 -15.24 -4.23
N SER B 105 6.06 -15.50 -2.97
CA SER B 105 4.99 -14.77 -2.33
C SER B 105 5.19 -13.27 -2.49
N TRP B 106 6.43 -12.81 -2.46
CA TRP B 106 6.66 -11.38 -2.62
C TRP B 106 6.38 -10.87 -4.02
N VAL B 107 6.87 -11.57 -5.04
CA VAL B 107 6.60 -11.12 -6.40
C VAL B 107 5.10 -11.19 -6.63
N ILE B 108 4.50 -12.31 -6.22
CA ILE B 108 3.07 -12.50 -6.40
C ILE B 108 2.29 -11.41 -5.69
N GLY B 109 2.50 -11.28 -4.38
CA GLY B 109 1.80 -10.27 -3.62
C GLY B 109 1.87 -8.93 -4.32
N ALA B 110 3.08 -8.51 -4.67
CA ALA B 110 3.28 -7.25 -5.36
C ALA B 110 2.35 -7.17 -6.55
N ASP B 111 2.44 -8.19 -7.40
CA ASP B 111 1.62 -8.30 -8.59
C ASP B 111 0.16 -7.98 -8.27
N ILE B 112 -0.45 -8.83 -7.46
CA ILE B 112 -1.84 -8.66 -7.08
C ILE B 112 -2.25 -7.21 -6.80
N PHE B 113 -1.46 -6.53 -5.95
CA PHE B 113 -1.74 -5.14 -5.61
C PHE B 113 -1.63 -4.27 -6.84
N MET B 114 -0.64 -4.55 -7.66
CA MET B 114 -0.49 -3.79 -8.89
C MET B 114 -1.86 -3.74 -9.57
N ILE B 115 -2.50 -4.89 -9.69
CA ILE B 115 -3.81 -4.94 -10.32
C ILE B 115 -4.84 -4.15 -9.53
N VAL B 116 -5.07 -4.53 -8.29
CA VAL B 116 -6.04 -3.82 -7.46
C VAL B 116 -5.89 -2.30 -7.54
N PHE B 117 -4.67 -1.79 -7.39
CA PHE B 117 -4.47 -0.36 -7.46
C PHE B 117 -5.13 0.11 -8.74
N GLY B 118 -4.79 -0.55 -9.85
CA GLY B 118 -5.38 -0.20 -11.12
C GLY B 118 -6.88 -0.12 -10.99
N ILE B 119 -7.47 -1.17 -10.44
CA ILE B 119 -8.90 -1.19 -10.27
C ILE B 119 -9.33 0.02 -9.45
N LEU B 120 -8.61 0.28 -8.38
CA LEU B 120 -8.92 1.41 -7.54
C LEU B 120 -8.96 2.66 -8.37
N GLY B 121 -7.89 2.89 -9.12
CA GLY B 121 -7.81 4.07 -9.96
C GLY B 121 -8.92 4.11 -10.99
N ALA B 122 -9.20 2.96 -11.58
CA ALA B 122 -10.22 2.83 -12.60
C ALA B 122 -11.60 3.35 -12.16
N PHE B 123 -11.87 3.30 -10.86
CA PHE B 123 -13.15 3.75 -10.33
C PHE B 123 -13.06 5.01 -9.52
N GLU B 124 -11.91 5.68 -9.56
CA GLU B 124 -11.74 6.92 -8.81
C GLU B 124 -12.19 8.16 -9.60
N ASP B 125 -12.82 9.11 -8.90
CA ASP B 125 -13.30 10.35 -9.51
C ASP B 125 -12.16 11.33 -9.57
N GLU B 126 -11.77 11.81 -8.39
CA GLU B 126 -10.70 12.77 -8.30
C GLU B 126 -9.45 12.37 -9.05
N HIS B 127 -9.09 13.19 -10.03
CA HIS B 127 -7.89 12.94 -10.82
C HIS B 127 -6.73 12.89 -9.82
N LYS B 128 -6.84 13.72 -8.78
CA LYS B 128 -5.84 13.81 -7.73
C LYS B 128 -5.47 12.45 -7.17
N PHE B 129 -6.46 11.57 -7.02
CA PHE B 129 -6.24 10.25 -6.47
C PHE B 129 -5.99 9.23 -7.55
N LYS B 130 -6.81 9.30 -8.58
CA LYS B 130 -6.68 8.40 -9.71
C LYS B 130 -5.21 8.14 -9.98
N TRP B 131 -4.48 9.21 -10.23
CA TRP B 131 -3.07 9.08 -10.54
C TRP B 131 -2.23 8.54 -9.40
N VAL B 132 -2.50 8.93 -8.16
CA VAL B 132 -1.72 8.42 -7.05
C VAL B 132 -1.76 6.90 -7.15
N TYR B 133 -2.97 6.37 -7.24
CA TYR B 133 -3.15 4.93 -7.35
C TYR B 133 -2.31 4.42 -8.53
N PHE B 134 -2.41 5.11 -9.65
CA PHE B 134 -1.67 4.70 -10.81
C PHE B 134 -0.21 4.52 -10.44
N ILE B 135 0.36 5.51 -9.78
CA ILE B 135 1.75 5.45 -9.36
C ILE B 135 1.95 4.15 -8.60
N ALA B 136 1.17 3.97 -7.55
CA ALA B 136 1.24 2.77 -6.73
C ALA B 136 1.52 1.51 -7.57
N GLY B 137 0.56 1.16 -8.42
CA GLY B 137 0.73 0.00 -9.26
C GLY B 137 2.05 -0.02 -9.99
N CYS B 138 2.37 1.08 -10.66
CA CYS B 138 3.64 1.15 -11.37
C CYS B 138 4.74 0.74 -10.40
N VAL B 139 4.70 1.30 -9.21
CA VAL B 139 5.70 0.98 -8.21
C VAL B 139 5.67 -0.53 -7.93
N MET B 140 4.48 -1.11 -7.99
CA MET B 140 4.37 -2.53 -7.77
C MET B 140 4.98 -3.27 -8.94
N GLN B 141 4.55 -2.92 -10.14
CA GLN B 141 5.10 -3.55 -11.34
C GLN B 141 6.60 -3.44 -11.26
N ALA B 142 7.07 -2.33 -10.72
CA ALA B 142 8.49 -2.08 -10.55
C ALA B 142 9.08 -3.15 -9.62
N VAL B 143 8.71 -3.08 -8.34
CA VAL B 143 9.16 -4.04 -7.36
C VAL B 143 9.16 -5.40 -8.00
N LEU B 144 7.95 -5.84 -8.34
CA LEU B 144 7.71 -7.11 -9.01
C LEU B 144 8.77 -7.44 -10.05
N THR B 145 8.95 -6.58 -11.04
CA THR B 145 9.94 -6.79 -12.09
C THR B 145 11.33 -7.01 -11.51
N TYR B 146 11.75 -6.09 -10.64
CA TYR B 146 13.05 -6.17 -10.01
C TYR B 146 13.34 -7.60 -9.53
N GLY B 147 12.52 -8.10 -8.61
CA GLY B 147 12.70 -9.44 -8.09
C GLY B 147 12.86 -10.52 -9.16
N MET B 148 12.02 -10.43 -10.18
CA MET B 148 12.06 -11.38 -11.29
C MET B 148 13.44 -11.42 -11.92
N TYR B 149 14.14 -10.30 -11.88
CA TYR B 149 15.47 -10.25 -12.45
C TYR B 149 16.57 -10.70 -11.52
N ASN B 150 16.30 -10.73 -10.22
CA ASN B 150 17.32 -11.17 -9.29
C ASN B 150 17.65 -12.63 -9.60
N ALA B 151 16.63 -13.38 -10.00
CA ALA B 151 16.80 -14.79 -10.34
C ALA B 151 17.51 -14.91 -11.70
N THR B 152 18.05 -13.79 -12.17
CA THR B 152 18.76 -13.75 -13.44
C THR B 152 20.25 -13.79 -13.15
N TRP B 153 20.74 -12.80 -12.42
CA TRP B 153 22.16 -12.75 -12.10
C TRP B 153 22.48 -13.61 -10.88
N LYS B 154 21.73 -13.40 -9.79
CA LYS B 154 21.95 -14.19 -8.58
C LYS B 154 21.90 -15.66 -8.99
N ASP B 155 22.99 -16.37 -8.71
CA ASP B 155 23.17 -17.79 -9.07
C ASP B 155 22.16 -18.82 -8.58
N ASP B 156 20.87 -18.56 -8.82
CA ASP B 156 19.80 -19.47 -8.41
C ASP B 156 18.45 -19.20 -9.09
N LYS B 159 17.72 -23.20 -11.59
CA LYS B 159 17.77 -24.50 -12.26
C LYS B 159 18.91 -24.60 -13.29
N SER B 160 18.79 -25.54 -14.21
CA SER B 160 19.79 -25.80 -15.26
C SER B 160 20.15 -24.60 -16.14
N PRO B 161 21.30 -24.66 -16.81
CA PRO B 161 21.74 -23.56 -17.68
C PRO B 161 20.78 -23.32 -18.86
N GLU B 162 20.11 -24.38 -19.30
CA GLU B 162 19.16 -24.25 -20.40
C GLU B 162 18.02 -23.38 -19.89
N TYR B 163 17.36 -23.87 -18.84
CA TYR B 163 16.27 -23.13 -18.23
C TYR B 163 16.65 -21.68 -18.04
N HIS B 164 17.66 -21.44 -17.22
CA HIS B 164 18.13 -20.09 -16.96
C HIS B 164 18.01 -19.25 -18.20
N SER B 165 18.53 -19.77 -19.30
CA SER B 165 18.48 -19.03 -20.54
C SER B 165 17.05 -18.77 -20.98
N SER B 166 16.30 -19.83 -21.23
CA SER B 166 14.92 -19.67 -21.66
C SER B 166 14.22 -18.68 -20.74
N TYR B 167 14.46 -18.83 -19.43
CA TYR B 167 13.88 -17.95 -18.43
C TYR B 167 14.19 -16.50 -18.82
N VAL B 168 15.46 -16.17 -18.78
CA VAL B 168 15.90 -14.83 -19.14
C VAL B 168 15.10 -14.39 -20.33
N SER B 169 15.25 -15.13 -21.40
CA SER B 169 14.56 -14.84 -22.63
C SER B 169 13.12 -14.41 -22.37
N LEU B 170 12.24 -15.38 -22.15
CA LEU B 170 10.84 -15.10 -21.90
C LEU B 170 10.61 -13.87 -21.04
N LEU B 171 11.40 -13.73 -19.98
CA LEU B 171 11.25 -12.59 -19.10
C LEU B 171 11.39 -11.25 -19.79
N VAL B 172 12.50 -11.04 -20.48
CA VAL B 172 12.68 -9.77 -21.16
C VAL B 172 11.47 -9.52 -22.04
N PHE B 173 10.94 -10.58 -22.62
CA PHE B 173 9.77 -10.45 -23.47
C PHE B 173 8.58 -10.01 -22.62
N LEU B 174 8.31 -10.73 -21.54
CA LEU B 174 7.19 -10.37 -20.66
C LEU B 174 7.38 -8.99 -20.02
N SER B 175 8.57 -8.79 -19.45
CA SER B 175 8.91 -7.53 -18.78
C SER B 175 8.59 -6.31 -19.62
N ILE B 176 9.06 -6.29 -20.85
CA ILE B 176 8.82 -5.16 -21.73
C ILE B 176 7.34 -5.03 -22.06
N LEU B 177 6.80 -6.08 -22.62
CA LEU B 177 5.40 -6.08 -23.01
C LEU B 177 4.50 -5.44 -21.96
N TRP B 178 4.54 -5.99 -20.76
CA TRP B 178 3.72 -5.51 -19.65
C TRP B 178 3.68 -4.02 -19.44
N VAL B 179 4.81 -3.35 -19.55
CA VAL B 179 4.81 -1.91 -19.34
C VAL B 179 3.83 -1.23 -20.29
N PHE B 180 3.38 -1.95 -21.31
CA PHE B 180 2.46 -1.35 -22.24
C PHE B 180 1.09 -1.21 -21.68
N TYR B 181 0.70 -2.16 -20.87
CA TYR B 181 -0.62 -2.11 -20.25
C TYR B 181 -0.83 -0.78 -19.56
N PRO B 182 0.01 -0.48 -18.56
CA PRO B 182 -0.10 0.76 -17.82
C PRO B 182 -0.13 1.95 -18.75
N VAL B 183 0.62 1.87 -19.84
CA VAL B 183 0.64 2.97 -20.79
C VAL B 183 -0.74 3.12 -21.39
N VAL B 184 -1.25 2.03 -21.97
CA VAL B 184 -2.56 2.10 -22.55
C VAL B 184 -3.57 2.57 -21.55
N TRP B 185 -3.54 1.97 -20.37
CA TRP B 185 -4.45 2.34 -19.30
C TRP B 185 -4.38 3.84 -19.11
N ALA B 186 -3.25 4.30 -18.65
CA ALA B 186 -3.04 5.72 -18.42
C ALA B 186 -3.76 6.54 -19.47
N PHE B 187 -3.66 6.12 -20.72
CA PHE B 187 -4.30 6.84 -21.82
C PHE B 187 -5.82 6.86 -21.82
N GLY B 188 -6.44 5.69 -21.84
CA GLY B 188 -7.89 5.66 -21.86
C GLY B 188 -8.50 5.57 -20.48
N SER B 189 -8.55 4.36 -19.96
CA SER B 189 -9.12 4.09 -18.65
C SER B 189 -8.72 5.16 -17.64
N GLY B 190 -7.50 5.66 -17.76
CA GLY B 190 -7.03 6.67 -16.83
C GLY B 190 -7.27 8.11 -17.26
N SER B 191 -6.76 8.47 -18.42
CA SER B 191 -6.90 9.84 -18.92
C SER B 191 -8.21 10.11 -19.62
N GLY B 192 -8.56 9.29 -20.59
CA GLY B 192 -9.79 9.49 -21.32
C GLY B 192 -9.46 9.84 -22.76
N VAL B 193 -8.25 10.29 -23.01
CA VAL B 193 -7.81 10.64 -24.35
C VAL B 193 -7.95 9.47 -25.33
N LEU B 194 -8.27 8.30 -24.79
CA LEU B 194 -8.40 7.08 -25.59
C LEU B 194 -9.83 6.53 -25.51
N SER B 195 -10.37 6.12 -26.64
CA SER B 195 -11.73 5.58 -26.66
C SER B 195 -11.84 4.26 -25.90
N VAL B 196 -13.04 3.93 -25.46
CA VAL B 196 -13.26 2.70 -24.74
C VAL B 196 -12.95 1.55 -25.68
N ASP B 197 -13.38 1.68 -26.93
CA ASP B 197 -13.17 0.65 -27.94
C ASP B 197 -11.70 0.47 -28.27
N ASN B 198 -11.04 1.57 -28.63
CA ASN B 198 -9.63 1.51 -28.95
C ASN B 198 -8.87 0.87 -27.78
N GLU B 199 -9.15 1.34 -26.57
CA GLU B 199 -8.49 0.78 -25.39
C GLU B 199 -8.69 -0.73 -25.44
N ALA B 200 -9.95 -1.14 -25.57
CA ALA B 200 -10.29 -2.55 -25.64
C ALA B 200 -9.44 -3.27 -26.67
N ILE B 201 -9.40 -2.73 -27.89
CA ILE B 201 -8.61 -3.33 -28.95
C ILE B 201 -7.14 -3.39 -28.56
N LEU B 202 -6.61 -2.27 -28.09
CA LEU B 202 -5.22 -2.22 -27.68
C LEU B 202 -4.99 -3.25 -26.59
N MET B 203 -5.69 -3.13 -25.47
CA MET B 203 -5.54 -4.09 -24.39
C MET B 203 -5.65 -5.46 -25.04
N GLY B 204 -6.77 -5.67 -25.74
CA GLY B 204 -7.01 -6.93 -26.42
C GLY B 204 -5.78 -7.41 -27.14
N ILE B 205 -5.15 -6.55 -27.93
CA ILE B 205 -3.94 -6.93 -28.66
C ILE B 205 -2.89 -7.44 -27.69
N LEU B 206 -2.69 -6.70 -26.61
CA LEU B 206 -1.70 -7.08 -25.63
C LEU B 206 -1.98 -8.46 -25.07
N ASP B 207 -3.18 -8.63 -24.53
CA ASP B 207 -3.58 -9.91 -23.94
C ASP B 207 -3.17 -11.10 -24.78
N VAL B 208 -3.51 -11.07 -26.06
CA VAL B 208 -3.17 -12.18 -26.95
C VAL B 208 -1.66 -12.40 -27.08
N LEU B 209 -0.88 -11.35 -26.90
CA LEU B 209 0.57 -11.49 -26.97
C LEU B 209 1.03 -12.07 -25.64
N ALA B 210 0.51 -11.47 -24.58
CA ALA B 210 0.86 -11.85 -23.23
C ALA B 210 0.42 -13.25 -22.80
N LYS B 211 -0.71 -13.72 -23.32
CA LYS B 211 -1.21 -15.01 -22.89
C LYS B 211 -0.98 -16.22 -23.80
N PRO B 212 -1.70 -16.33 -24.94
CA PRO B 212 -1.52 -17.47 -25.84
C PRO B 212 -0.08 -17.64 -26.30
N LEU B 213 0.42 -16.61 -26.96
CA LEU B 213 1.78 -16.61 -27.48
C LEU B 213 2.81 -16.97 -26.41
N PHE B 214 2.81 -16.22 -25.31
CA PHE B 214 3.72 -16.46 -24.20
C PHE B 214 3.61 -17.93 -23.84
N GLY B 215 2.37 -18.37 -23.63
CA GLY B 215 2.11 -19.75 -23.29
C GLY B 215 2.89 -20.70 -24.16
N MET B 216 2.71 -20.58 -25.47
CA MET B 216 3.43 -21.45 -26.39
C MET B 216 4.90 -21.41 -26.07
N GLY B 217 5.44 -20.19 -26.03
CA GLY B 217 6.84 -20.03 -25.72
C GLY B 217 7.21 -20.97 -24.59
N CYS B 218 6.53 -20.80 -23.47
CA CYS B 218 6.79 -21.61 -22.30
C CYS B 218 6.68 -23.11 -22.60
N LEU B 219 5.50 -23.53 -23.03
CA LEU B 219 5.27 -24.93 -23.35
C LEU B 219 6.41 -25.45 -24.20
N ILE B 220 6.75 -24.72 -25.25
CA ILE B 220 7.83 -25.16 -26.10
C ILE B 220 9.07 -25.35 -25.26
N ALA B 221 9.53 -24.24 -24.69
CA ALA B 221 10.71 -24.25 -23.86
C ALA B 221 10.74 -25.50 -23.03
N HIS B 222 9.71 -25.70 -22.24
CA HIS B 222 9.66 -26.88 -21.41
C HIS B 222 9.84 -28.12 -22.26
N GLU B 223 8.91 -28.33 -23.19
CA GLU B 223 8.98 -29.49 -24.07
C GLU B 223 10.39 -29.64 -24.65
N THR B 224 10.98 -28.53 -25.04
CA THR B 224 12.31 -28.51 -25.61
C THR B 224 13.29 -29.08 -24.64
N ILE B 225 13.52 -28.33 -23.56
CA ILE B 225 14.44 -28.71 -22.51
C ILE B 225 14.26 -30.16 -22.10
N PHE B 226 13.03 -30.50 -21.71
CA PHE B 226 12.71 -31.86 -21.30
C PHE B 226 13.36 -32.88 -22.23
N LYS B 227 13.50 -32.49 -23.48
CA LYS B 227 14.11 -33.36 -24.47
C LYS B 227 15.64 -33.29 -24.34
N LYS B 228 16.11 -32.84 -23.17
CA LYS B 228 17.55 -32.72 -22.91
C LYS B 228 17.85 -32.81 -21.43
N MET C 1 -25.99 18.87 14.05
CA MET C 1 -25.00 19.98 13.95
C MET C 1 -23.57 19.45 13.71
N ALA C 2 -22.61 20.36 13.63
CA ALA C 2 -21.22 19.99 13.37
C ALA C 2 -20.40 19.93 14.64
N ASP C 3 -19.47 18.97 14.67
CA ASP C 3 -18.57 18.75 15.80
C ASP C 3 -17.25 19.48 15.53
N VAL C 4 -17.01 20.56 16.28
CA VAL C 4 -15.78 21.32 16.08
C VAL C 4 -15.06 21.48 17.41
N GLU C 5 -13.75 21.73 17.38
CA GLU C 5 -12.98 21.89 18.60
C GLU C 5 -13.41 23.15 19.31
N THR C 6 -13.27 23.16 20.64
CA THR C 6 -13.67 24.31 21.45
C THR C 6 -12.59 24.75 22.41
N GLU C 7 -12.95 25.70 23.27
CA GLU C 7 -12.01 26.24 24.24
C GLU C 7 -11.39 25.06 24.98
N THR C 8 -12.22 24.08 25.27
CA THR C 8 -11.77 22.90 25.99
C THR C 8 -10.61 22.28 25.25
N GLY C 9 -10.87 21.74 24.08
CA GLY C 9 -9.81 21.13 23.32
C GLY C 9 -8.58 22.02 23.38
N MET C 10 -8.75 23.29 23.04
CA MET C 10 -7.65 24.23 23.06
C MET C 10 -6.85 24.11 24.35
N ILE C 11 -7.54 24.24 25.48
CA ILE C 11 -6.90 24.14 26.80
C ILE C 11 -5.97 22.95 26.80
N ALA C 12 -6.56 21.77 26.76
CA ALA C 12 -5.82 20.53 26.74
C ALA C 12 -4.52 20.66 25.94
N GLN C 13 -4.66 20.98 24.66
CA GLN C 13 -3.52 21.13 23.78
C GLN C 13 -2.49 22.04 24.39
N TRP C 14 -2.93 23.24 24.74
CA TRP C 14 -2.06 24.22 25.37
C TRP C 14 -1.25 23.61 26.49
N ILE C 15 -1.92 22.78 27.28
CA ILE C 15 -1.28 22.10 28.38
C ILE C 15 -0.16 21.22 27.83
N VAL C 16 -0.51 20.37 26.87
CA VAL C 16 0.47 19.48 26.27
C VAL C 16 1.64 20.31 25.76
N PHE C 17 1.32 21.45 25.18
CA PHE C 17 2.35 22.34 24.67
C PHE C 17 3.43 22.51 25.71
N ALA C 18 3.03 23.08 26.85
CA ALA C 18 3.94 23.35 27.96
C ALA C 18 4.82 22.15 28.30
N ILE C 19 4.18 21.01 28.52
CA ILE C 19 4.91 19.81 28.86
C ILE C 19 5.98 19.54 27.82
N MET C 20 5.56 19.41 26.56
CA MET C 20 6.49 19.16 25.47
C MET C 20 7.62 20.18 25.53
N ALA C 21 7.24 21.46 25.53
CA ALA C 21 8.18 22.58 25.58
C ALA C 21 9.24 22.39 26.66
N ALA C 22 8.81 22.05 27.87
CA ALA C 22 9.71 21.83 29.00
C ALA C 22 10.69 20.71 28.72
N ALA C 23 10.16 19.53 28.42
CA ALA C 23 10.97 18.36 28.12
C ALA C 23 11.98 18.81 27.09
N ALA C 24 11.50 19.55 26.10
CA ALA C 24 12.37 20.04 25.05
C ALA C 24 13.50 20.81 25.71
N ILE C 25 13.16 21.88 26.42
CA ILE C 25 14.16 22.71 27.08
C ILE C 25 15.05 21.85 27.99
N ALA C 26 14.41 21.01 28.79
CA ALA C 26 15.12 20.13 29.72
C ALA C 26 16.23 19.33 29.03
N PHE C 27 15.83 18.48 28.10
CA PHE C 27 16.78 17.67 27.39
C PHE C 27 17.71 18.61 26.67
N GLY C 28 17.10 19.59 25.99
CA GLY C 28 17.85 20.57 25.24
C GLY C 28 19.07 21.06 25.96
N VAL C 29 18.93 21.33 27.25
CA VAL C 29 20.06 21.81 28.03
C VAL C 29 20.91 20.62 28.42
N ALA C 30 20.32 19.76 29.24
CA ALA C 30 20.99 18.56 29.72
C ALA C 30 22.09 18.09 28.78
N VAL C 31 21.70 17.68 27.58
CA VAL C 31 22.63 17.19 26.57
C VAL C 31 24.02 17.82 26.61
N HIS C 32 24.09 19.14 26.78
CA HIS C 32 25.37 19.83 26.80
C HIS C 32 26.26 19.39 27.93
N PHE C 33 25.75 18.56 28.81
CA PHE C 33 26.55 18.11 29.95
C PHE C 33 26.70 16.61 29.98
N ARG C 34 26.69 16.01 28.81
CA ARG C 34 26.83 14.58 28.68
C ARG C 34 27.99 14.29 27.70
N PRO C 35 28.24 13.01 27.41
CA PRO C 35 29.31 12.60 26.48
C PRO C 35 28.82 12.40 25.04
N LEU C 38 27.28 9.69 23.77
CA LEU C 38 26.02 9.65 24.51
C LEU C 38 25.05 10.79 24.10
N LYS C 39 25.61 11.92 23.65
CA LYS C 39 24.77 13.03 23.28
C LYS C 39 23.61 12.75 22.34
N SER C 40 23.82 11.83 21.40
CA SER C 40 22.80 11.50 20.41
C SER C 40 21.43 11.12 20.98
N ALA C 41 21.42 10.14 21.88
CA ALA C 41 20.17 9.69 22.51
C ALA C 41 19.34 10.89 22.92
N TYR C 42 20.03 11.89 23.48
CA TYR C 42 19.40 13.12 23.90
C TYR C 42 18.78 13.83 22.70
N TYR C 43 19.59 14.07 21.67
CA TYR C 43 19.12 14.74 20.47
C TYR C 43 17.82 14.16 19.97
N ILE C 44 17.76 12.84 19.90
CA ILE C 44 16.57 12.19 19.41
C ILE C 44 15.34 12.70 20.15
N ASN C 45 15.35 12.55 21.46
CA ASN C 45 14.21 12.99 22.22
C ASN C 45 14.02 14.49 22.26
N ILE C 46 15.08 15.25 22.01
CA ILE C 46 14.92 16.69 21.98
C ILE C 46 14.02 16.97 20.79
N ALA C 47 14.41 16.41 19.66
CA ALA C 47 13.68 16.58 18.41
C ALA C 47 12.22 16.22 18.60
N ILE C 48 12.00 14.99 19.04
CA ILE C 48 10.67 14.49 19.28
C ILE C 48 9.80 15.51 19.98
N CYS C 49 10.22 15.93 21.17
CA CYS C 49 9.43 16.88 21.93
C CYS C 49 9.34 18.26 21.30
N THR C 50 10.41 18.68 20.65
CA THR C 50 10.37 19.97 20.01
C THR C 50 9.32 19.91 18.91
N ILE C 51 9.31 18.80 18.19
CA ILE C 51 8.34 18.60 17.12
C ILE C 51 6.93 18.74 17.70
N ALA C 52 6.60 17.82 18.58
CA ALA C 52 5.30 17.82 19.22
C ALA C 52 4.93 19.24 19.65
N ALA C 53 5.75 19.80 20.55
CA ALA C 53 5.55 21.15 21.09
C ALA C 53 5.03 22.07 20.00
N THR C 54 5.72 22.04 18.88
CA THR C 54 5.35 22.85 17.75
C THR C 54 3.96 22.52 17.23
N ALA C 55 3.75 21.23 16.93
CA ALA C 55 2.46 20.78 16.43
C ALA C 55 1.35 21.19 17.36
N TYR C 56 1.48 20.90 18.64
CA TYR C 56 0.44 21.27 19.58
C TYR C 56 0.24 22.76 19.54
N TYR C 57 1.34 23.49 19.51
CA TYR C 57 1.27 24.95 19.45
C TYR C 57 0.40 25.43 18.29
N ALA C 58 0.52 24.74 17.18
CA ALA C 58 -0.27 25.11 16.02
C ALA C 58 -1.72 24.79 16.29
N MET C 59 -1.99 23.52 16.59
CA MET C 59 -3.34 23.08 16.87
C MET C 59 -4.06 24.04 17.78
N ALA C 60 -3.37 24.42 18.85
CA ALA C 60 -3.95 25.30 19.85
C ALA C 60 -4.37 26.66 19.35
N VAL C 61 -3.46 27.34 18.67
CA VAL C 61 -3.75 28.68 18.18
C VAL C 61 -4.79 28.70 17.07
N ASN C 62 -5.01 27.55 16.44
CA ASN C 62 -5.95 27.49 15.33
C ASN C 62 -7.15 26.58 15.50
N TYR C 63 -7.50 26.25 16.73
CA TYR C 63 -8.65 25.38 16.94
C TYR C 63 -9.90 25.96 16.27
N GLN C 64 -9.80 27.19 15.78
CA GLN C 64 -10.91 27.88 15.14
C GLN C 64 -10.92 27.76 13.61
N ASP C 65 -9.74 27.79 13.00
CA ASP C 65 -9.60 27.68 11.55
C ASP C 65 -9.85 26.22 11.18
N LEU C 66 -11.12 25.91 11.00
CA LEU C 66 -11.56 24.55 10.72
C LEU C 66 -11.69 24.04 9.28
N THR C 67 -10.97 22.98 8.99
CA THR C 67 -11.03 22.32 7.68
C THR C 67 -11.83 21.09 8.09
N MET C 68 -12.84 20.71 7.31
CA MET C 68 -13.66 19.58 7.73
C MET C 68 -14.00 18.48 6.74
N ASN C 69 -14.03 17.26 7.26
CA ASN C 69 -14.36 16.07 6.49
C ASN C 69 -15.74 15.70 7.00
N GLY C 70 -16.77 16.07 6.23
CA GLY C 70 -18.14 15.83 6.65
C GLY C 70 -18.51 16.99 7.56
N GLU C 71 -19.24 16.72 8.63
CA GLU C 71 -19.63 17.77 9.56
C GLU C 71 -18.87 17.57 10.87
N ARG C 72 -17.58 17.30 10.73
CA ARG C 72 -16.70 17.11 11.89
C ARG C 72 -15.30 17.57 11.49
N GLN C 73 -14.79 18.58 12.20
CA GLN C 73 -13.47 19.14 11.94
C GLN C 73 -12.35 18.13 12.16
N VAL C 74 -11.37 18.15 11.28
CA VAL C 74 -10.24 17.25 11.45
C VAL C 74 -9.02 18.05 11.83
N VAL C 75 -8.44 17.74 13.00
CA VAL C 75 -7.24 18.43 13.47
C VAL C 75 -6.06 17.63 12.98
N TYR C 76 -5.71 17.86 11.72
CA TYR C 76 -4.65 17.12 11.07
C TYR C 76 -3.22 17.36 11.52
N ALA C 77 -2.93 18.54 12.02
CA ALA C 77 -1.57 18.83 12.46
C ALA C 77 -0.96 17.64 13.19
N ARG C 78 -1.78 16.88 13.91
CA ARG C 78 -1.28 15.74 14.67
C ARG C 78 -0.62 14.69 13.80
N TYR C 79 -1.19 14.43 12.62
CA TYR C 79 -0.61 13.43 11.73
C TYR C 79 0.80 13.83 11.34
N ILE C 80 1.00 15.11 11.12
CA ILE C 80 2.31 15.61 10.79
C ILE C 80 3.24 15.24 11.92
N ASP C 81 2.90 15.69 13.12
CA ASP C 81 3.68 15.36 14.31
C ASP C 81 4.03 13.88 14.22
N TRP C 82 3.01 13.04 14.33
CA TRP C 82 3.14 11.60 14.29
C TRP C 82 4.05 11.07 13.22
N VAL C 83 3.87 11.54 12.00
CA VAL C 83 4.71 11.05 10.92
C VAL C 83 6.19 11.30 11.19
N LEU C 84 6.50 12.41 11.84
CA LEU C 84 7.88 12.77 12.14
C LEU C 84 8.40 12.18 13.44
N THR C 85 7.53 12.16 14.44
CA THR C 85 7.91 11.64 15.74
C THR C 85 7.96 10.13 15.84
N THR C 86 6.89 9.45 15.40
CA THR C 86 6.84 7.99 15.47
C THR C 86 8.12 7.32 14.96
N PRO C 87 8.61 7.74 13.77
CA PRO C 87 9.83 7.07 13.33
C PRO C 87 10.96 7.27 14.36
N LEU C 88 11.10 8.50 14.85
CA LEU C 88 12.12 8.82 15.84
C LEU C 88 11.94 8.02 17.11
N LEU C 89 10.70 7.63 17.41
CA LEU C 89 10.46 6.88 18.62
C LEU C 89 10.97 5.47 18.47
N LEU C 90 10.73 4.88 17.31
CA LEU C 90 11.19 3.52 17.05
C LEU C 90 12.69 3.51 17.16
N LEU C 91 13.30 4.52 16.56
CA LEU C 91 14.74 4.66 16.57
C LEU C 91 15.27 4.64 17.99
N ASP C 92 14.59 5.35 18.89
CA ASP C 92 15.00 5.41 20.29
C ASP C 92 15.27 4.02 20.82
N LEU C 93 14.60 3.05 20.23
CA LEU C 93 14.78 1.67 20.64
C LEU C 93 15.80 0.98 19.73
N ILE C 94 15.69 1.23 18.44
CA ILE C 94 16.59 0.64 17.48
C ILE C 94 18.06 0.77 17.86
N VAL C 95 18.41 1.88 18.48
CA VAL C 95 19.79 2.10 18.87
C VAL C 95 20.23 1.13 19.97
N MET C 96 19.26 0.62 20.73
CA MET C 96 19.57 -0.32 21.79
C MET C 96 19.81 -1.69 21.18
N THR C 97 19.56 -1.81 19.88
CA THR C 97 19.76 -3.08 19.17
C THR C 97 20.82 -3.01 18.09
N LYS C 98 21.20 -4.18 17.59
CA LYS C 98 22.19 -4.25 16.52
C LYS C 98 21.49 -4.50 15.18
N MET C 99 20.22 -4.14 15.10
CA MET C 99 19.40 -4.31 13.91
C MET C 99 20.08 -3.75 12.66
N GLY C 100 19.88 -4.43 11.53
CA GLY C 100 20.49 -4.01 10.27
C GLY C 100 19.79 -2.92 9.48
N GLY C 101 20.58 -2.05 8.86
CA GLY C 101 20.00 -0.96 8.08
C GLY C 101 18.78 -1.40 7.29
N VAL C 102 18.97 -2.41 6.44
CA VAL C 102 17.90 -2.93 5.61
C VAL C 102 16.62 -3.14 6.41
N MET C 103 16.73 -3.70 7.61
CA MET C 103 15.54 -3.93 8.43
C MET C 103 15.00 -2.64 9.02
N ILE C 104 15.89 -1.73 9.41
CA ILE C 104 15.47 -0.45 9.95
C ILE C 104 14.52 0.16 8.95
N SER C 105 15.02 0.35 7.74
CA SER C 105 14.23 0.93 6.67
C SER C 105 12.86 0.28 6.57
N TRP C 106 12.79 -1.03 6.82
CA TRP C 106 11.50 -1.69 6.73
C TRP C 106 10.55 -1.31 7.84
N VAL C 107 11.02 -1.31 9.09
CA VAL C 107 10.15 -0.93 10.19
C VAL C 107 9.74 0.52 10.00
N ILE C 108 10.71 1.36 9.66
CA ILE C 108 10.44 2.77 9.44
C ILE C 108 9.44 2.98 8.32
N GLY C 109 9.76 2.46 7.15
CA GLY C 109 8.86 2.60 6.01
C GLY C 109 7.44 2.23 6.41
N ALA C 110 7.29 1.06 7.02
CA ALA C 110 5.99 0.59 7.46
C ALA C 110 5.31 1.66 8.29
N ASP C 111 6.04 2.10 9.31
CA ASP C 111 5.57 3.12 10.21
C ASP C 111 4.97 4.30 9.45
N ILE C 112 5.79 4.98 8.67
CA ILE C 112 5.38 6.13 7.89
C ILE C 112 4.02 5.94 7.21
N PHE C 113 3.85 4.82 6.50
CA PHE C 113 2.60 4.53 5.82
C PHE C 113 1.47 4.39 6.81
N MET C 114 1.76 3.74 7.93
CA MET C 114 0.75 3.60 8.96
C MET C 114 0.14 4.97 9.17
N ILE C 115 0.99 5.98 9.36
CA ILE C 115 0.50 7.32 9.57
C ILE C 115 -0.29 7.83 8.37
N VAL C 116 0.36 7.93 7.23
CA VAL C 116 -0.33 8.40 6.04
C VAL C 116 -1.70 7.77 5.84
N PHE C 117 -1.78 6.45 5.94
CA PHE C 117 -3.07 5.80 5.78
C PHE C 117 -4.06 6.52 6.69
N GLY C 118 -3.68 6.64 7.96
CA GLY C 118 -4.54 7.32 8.91
C GLY C 118 -4.97 8.65 8.34
N ILE C 119 -4.01 9.42 7.86
CA ILE C 119 -4.33 10.73 7.29
C ILE C 119 -5.32 10.54 6.16
N LEU C 120 -5.05 9.57 5.31
CA LEU C 120 -5.92 9.31 4.20
C LEU C 120 -7.33 9.09 4.70
N GLY C 121 -7.47 8.18 5.67
CA GLY C 121 -8.78 7.88 6.23
C GLY C 121 -9.41 9.10 6.87
N ALA C 122 -8.59 9.88 7.57
CA ALA C 122 -9.04 11.08 8.25
C ALA C 122 -9.75 12.07 7.34
N PHE C 123 -9.41 12.06 6.06
CA PHE C 123 -10.03 12.97 5.12
C PHE C 123 -10.94 12.29 4.13
N GLU C 124 -11.26 11.02 4.36
CA GLU C 124 -12.13 10.28 3.45
C GLU C 124 -13.62 10.44 3.78
N ASP C 125 -14.46 10.56 2.76
CA ASP C 125 -15.90 10.71 2.95
C ASP C 125 -16.52 9.35 3.12
N GLU C 126 -16.52 8.59 2.04
CA GLU C 126 -17.10 7.25 2.06
C GLU C 126 -16.60 6.40 3.20
N HIS C 127 -17.53 5.98 4.06
CA HIS C 127 -17.18 5.13 5.18
C HIS C 127 -16.52 3.88 4.60
N LYS C 128 -17.01 3.48 3.43
CA LYS C 128 -16.53 2.31 2.71
C LYS C 128 -15.01 2.32 2.55
N PHE C 129 -14.45 3.49 2.31
CA PHE C 129 -13.01 3.63 2.14
C PHE C 129 -12.32 3.97 3.42
N LYS C 130 -12.89 4.91 4.15
CA LYS C 130 -12.35 5.34 5.43
C LYS C 130 -11.80 4.13 6.18
N TRP C 131 -12.65 3.14 6.37
CA TRP C 131 -12.24 1.97 7.10
C TRP C 131 -11.18 1.11 6.41
N VAL C 132 -11.26 0.98 5.10
CA VAL C 132 -10.26 0.22 4.38
C VAL C 132 -8.90 0.80 4.77
N TYR C 133 -8.77 2.10 4.60
CA TYR C 133 -7.54 2.78 4.95
C TYR C 133 -7.18 2.43 6.39
N PHE C 134 -8.18 2.51 7.28
CA PHE C 134 -7.93 2.20 8.66
C PHE C 134 -7.25 0.84 8.78
N ILE C 135 -7.81 -0.15 8.12
CA ILE C 135 -7.25 -1.48 8.16
C ILE C 135 -5.79 -1.40 7.78
N ALA C 136 -5.52 -0.81 6.61
CA ALA C 136 -4.17 -0.63 6.10
C ALA C 136 -3.18 -0.30 7.21
N GLY C 137 -3.35 0.86 7.80
CA GLY C 137 -2.49 1.28 8.88
C GLY C 137 -2.33 0.23 9.95
N CYS C 138 -3.43 -0.32 10.43
CA CYS C 138 -3.36 -1.35 11.45
C CYS C 138 -2.41 -2.42 10.95
N VAL C 139 -2.58 -2.82 9.70
CA VAL C 139 -1.72 -3.82 9.12
C VAL C 139 -0.27 -3.35 9.17
N MET C 140 -0.07 -2.05 9.00
CA MET C 140 1.28 -1.51 9.06
C MET C 140 1.77 -1.56 10.48
N GLN C 141 0.98 -1.04 11.41
CA GLN C 141 1.36 -1.08 12.81
C GLN C 141 1.71 -2.52 13.15
N ALA C 142 0.96 -3.44 12.56
CA ALA C 142 1.18 -4.88 12.76
C ALA C 142 2.59 -5.24 12.28
N VAL C 143 2.79 -5.20 10.96
CA VAL C 143 4.07 -5.49 10.36
C VAL C 143 5.13 -4.88 11.26
N LEU C 144 5.10 -3.56 11.31
CA LEU C 144 6.01 -2.77 12.12
C LEU C 144 6.32 -3.42 13.47
N THR C 145 5.28 -3.66 14.26
CA THR C 145 5.44 -4.28 15.57
C THR C 145 6.19 -5.61 15.48
N TYR C 146 5.73 -6.48 14.59
CA TYR C 146 6.35 -7.79 14.39
C TYR C 146 7.88 -7.67 14.32
N GLY C 147 8.36 -6.92 13.34
CA GLY C 147 9.80 -6.74 13.18
C GLY C 147 10.52 -6.31 14.44
N MET C 148 9.91 -5.35 15.14
CA MET C 148 10.48 -4.84 16.37
C MET C 148 10.70 -5.96 17.37
N TYR C 149 9.89 -7.00 17.30
CA TYR C 149 10.03 -8.11 18.22
C TYR C 149 11.02 -9.16 17.75
N ASN C 150 11.34 -9.18 16.47
CA ASN C 150 12.31 -10.17 15.99
C ASN C 150 13.64 -9.90 16.67
N ALA C 151 13.95 -8.63 16.91
CA ALA C 151 15.19 -8.25 17.57
C ALA C 151 15.10 -8.58 19.05
N THR C 152 14.08 -9.35 19.43
CA THR C 152 13.88 -9.75 20.81
C THR C 152 14.42 -11.15 20.98
N TRP C 153 13.84 -12.10 20.24
CA TRP C 153 14.29 -13.48 20.33
C TRP C 153 15.51 -13.73 19.46
N LYS C 154 15.43 -13.35 18.18
CA LYS C 154 16.55 -13.53 17.26
C LYS C 154 17.78 -12.90 17.93
N ASP C 155 18.81 -13.71 18.14
CA ASP C 155 20.05 -13.31 18.82
C ASP C 155 20.85 -12.16 18.27
N ASP C 156 20.19 -11.01 18.08
CA ASP C 156 20.85 -9.80 17.56
C ASP C 156 20.06 -8.51 17.75
N LYS C 159 22.77 -5.97 20.76
CA LYS C 159 23.80 -5.44 21.64
C LYS C 159 23.91 -6.23 22.95
N SER C 160 24.49 -5.61 23.97
CA SER C 160 24.69 -6.22 25.28
C SER C 160 23.44 -6.78 25.95
N PRO C 161 23.61 -7.69 26.94
CA PRO C 161 22.48 -8.27 27.64
C PRO C 161 21.66 -7.23 28.43
N GLU C 162 22.32 -6.17 28.87
CA GLU C 162 21.64 -5.09 29.60
C GLU C 162 20.66 -4.46 28.61
N TYR C 163 21.23 -3.90 27.54
CA TYR C 163 20.43 -3.28 26.51
C TYR C 163 19.26 -4.16 26.14
N HIS C 164 19.55 -5.34 25.61
CA HIS C 164 18.52 -6.28 25.21
C HIS C 164 17.36 -6.19 26.17
N SER C 165 17.67 -6.27 27.46
CA SER C 165 16.63 -6.23 28.46
C SER C 165 15.85 -4.91 28.41
N SER C 166 16.55 -3.80 28.63
CA SER C 166 15.90 -2.50 28.61
C SER C 166 15.07 -2.39 27.34
N TYR C 167 15.64 -2.83 26.22
CA TYR C 167 14.95 -2.81 24.94
C TYR C 167 13.60 -3.49 25.09
N VAL C 168 13.66 -4.78 25.37
CA VAL C 168 12.44 -5.56 25.55
C VAL C 168 11.47 -4.74 26.33
N SER C 169 11.89 -4.40 27.53
CA SER C 169 11.08 -3.60 28.43
C SER C 169 10.35 -2.49 27.68
N LEU C 170 11.06 -1.39 27.43
CA LEU C 170 10.50 -0.24 26.73
C LEU C 170 9.56 -0.63 25.59
N LEU C 171 9.96 -1.62 24.80
CA LEU C 171 9.14 -2.05 23.68
C LEU C 171 7.74 -2.48 24.10
N VAL C 172 7.65 -3.44 25.01
CA VAL C 172 6.34 -3.89 25.45
C VAL C 172 5.52 -2.68 25.89
N PHE C 173 6.19 -1.72 26.50
CA PHE C 173 5.50 -0.53 26.93
C PHE C 173 5.02 0.24 25.70
N LEU C 174 5.91 0.49 24.75
CA LEU C 174 5.54 1.22 23.55
C LEU C 174 4.51 0.44 22.74
N SER C 175 4.82 -0.83 22.49
CA SER C 175 3.94 -1.69 21.70
C SER C 175 2.48 -1.63 22.11
N ILE C 176 2.24 -1.83 23.40
CA ILE C 176 0.88 -1.80 23.92
C ILE C 176 0.24 -0.43 23.78
N LEU C 177 0.89 0.56 24.38
CA LEU C 177 0.42 1.91 24.35
C LEU C 177 -0.11 2.32 22.96
N TRP C 178 0.75 2.19 21.96
CA TRP C 178 0.41 2.56 20.59
C TRP C 178 -0.92 2.05 20.07
N VAL C 179 -1.26 0.81 20.36
CA VAL C 179 -2.52 0.28 19.88
C VAL C 179 -3.68 1.14 20.35
N PHE C 180 -3.44 2.01 21.32
CA PHE C 180 -4.52 2.84 21.79
C PHE C 180 -4.86 3.94 20.83
N TYR C 181 -3.84 4.46 20.16
CA TYR C 181 -4.07 5.52 19.20
C TYR C 181 -5.16 5.11 18.22
N PRO C 182 -4.90 4.04 17.47
CA PRO C 182 -5.87 3.57 16.48
C PRO C 182 -7.23 3.39 17.10
N VAL C 183 -7.26 2.96 18.36
CA VAL C 183 -8.53 2.75 19.03
C VAL C 183 -9.24 4.09 19.17
N VAL C 184 -8.55 5.05 19.76
CA VAL C 184 -9.15 6.35 19.93
C VAL C 184 -9.57 6.90 18.61
N TRP C 185 -8.66 6.83 17.64
CA TRP C 185 -8.93 7.33 16.30
C TRP C 185 -10.24 6.73 15.83
N ALA C 186 -10.22 5.41 15.61
CA ALA C 186 -11.40 4.70 15.16
C ALA C 186 -12.65 5.30 15.77
N PHE C 187 -12.60 5.62 17.06
CA PHE C 187 -13.75 6.19 17.76
C PHE C 187 -14.19 7.58 17.32
N GLY C 188 -13.29 8.55 17.41
CA GLY C 188 -13.67 9.90 17.01
C GLY C 188 -13.36 10.20 15.57
N SER C 189 -12.10 10.54 15.31
CA SER C 189 -11.63 10.88 13.99
C SER C 189 -12.22 9.95 12.93
N GLY C 190 -12.38 8.69 13.29
CA GLY C 190 -12.92 7.72 12.35
C GLY C 190 -14.41 7.55 12.39
N SER C 191 -14.94 7.17 13.55
CA SER C 191 -16.37 6.95 13.69
C SER C 191 -17.18 8.21 13.90
N GLY C 192 -16.80 9.00 14.89
CA GLY C 192 -17.52 10.22 15.18
C GLY C 192 -18.18 10.12 16.54
N VAL C 193 -18.32 8.90 17.03
CA VAL C 193 -18.92 8.65 18.35
C VAL C 193 -18.16 9.37 19.46
N LEU C 194 -17.02 9.95 19.10
CA LEU C 194 -16.17 10.65 20.06
C LEU C 194 -16.02 12.13 19.68
N SER C 195 -16.12 13.01 20.67
CA SER C 195 -15.99 14.44 20.41
C SER C 195 -14.60 14.82 19.95
N VAL C 196 -14.52 15.95 19.25
CA VAL C 196 -13.24 16.42 18.77
C VAL C 196 -12.36 16.72 19.97
N ASP C 197 -12.96 17.33 20.99
CA ASP C 197 -12.25 17.69 22.21
C ASP C 197 -11.78 16.47 22.98
N ASN C 198 -12.71 15.57 23.28
CA ASN C 198 -12.35 14.36 24.01
C ASN C 198 -11.24 13.63 23.27
N GLU C 199 -11.39 13.48 21.95
CA GLU C 199 -10.36 12.82 21.15
C GLU C 199 -9.04 13.53 21.47
N ALA C 200 -9.05 14.84 21.29
CA ALA C 200 -7.87 15.64 21.56
C ALA C 200 -7.25 15.31 22.90
N ILE C 201 -8.07 15.35 23.96
CA ILE C 201 -7.61 15.06 25.31
C ILE C 201 -7.06 13.67 25.38
N LEU C 202 -7.79 12.71 24.84
CA LEU C 202 -7.35 11.33 24.85
C LEU C 202 -6.03 11.24 24.11
N MET C 203 -6.02 11.59 22.83
CA MET C 203 -4.79 11.56 22.05
C MET C 203 -3.76 12.25 22.92
N GLY C 204 -4.05 13.50 23.29
CA GLY C 204 -3.17 14.29 24.13
C GLY C 204 -2.58 13.48 25.26
N ILE C 205 -3.43 12.77 26.00
CA ILE C 205 -2.96 11.96 27.12
C ILE C 205 -1.93 10.95 26.62
N LEU C 206 -2.24 10.32 25.49
CA LEU C 206 -1.34 9.32 24.93
C LEU C 206 0.01 9.94 24.61
N ASP C 207 -0.01 10.99 23.81
CA ASP C 207 1.21 11.65 23.41
C ASP C 207 2.18 11.85 24.57
N VAL C 208 1.71 12.43 25.65
CA VAL C 208 2.55 12.68 26.81
C VAL C 208 3.14 11.40 27.42
N LEU C 209 2.44 10.28 27.28
CA LEU C 209 2.94 9.02 27.78
C LEU C 209 3.98 8.53 26.78
N ALA C 210 3.59 8.56 25.52
CA ALA C 210 4.42 8.09 24.44
C ALA C 210 5.70 8.87 24.20
N LYS C 211 5.67 10.17 24.46
CA LYS C 211 6.85 10.97 24.19
C LYS C 211 7.76 11.36 25.34
N PRO C 212 7.32 12.30 26.21
CA PRO C 212 8.17 12.71 27.35
C PRO C 212 8.58 11.54 28.21
N LEU C 213 7.58 10.87 28.78
CA LEU C 213 7.81 9.71 29.65
C LEU C 213 8.73 8.66 29.02
N PHE C 214 8.36 8.19 27.84
CA PHE C 214 9.16 7.21 27.12
C PHE C 214 10.59 7.74 27.05
N GLY C 215 10.71 8.99 26.58
CA GLY C 215 12.00 9.63 26.47
C GLY C 215 12.84 9.43 27.71
N MET C 216 12.29 9.81 28.85
CA MET C 216 13.01 9.62 30.10
C MET C 216 13.48 8.19 30.20
N GLY C 217 12.52 7.28 30.08
CA GLY C 217 12.85 5.87 30.16
C GLY C 217 14.13 5.61 29.40
N CYS C 218 14.10 5.94 28.12
CA CYS C 218 15.27 5.75 27.27
C CYS C 218 16.51 6.43 27.84
N LEU C 219 16.46 7.74 27.98
CA LEU C 219 17.58 8.48 28.50
C LEU C 219 18.13 7.80 29.74
N ILE C 220 17.25 7.45 30.66
CA ILE C 220 17.72 6.80 31.86
C ILE C 220 18.47 5.54 31.47
N ALA C 221 17.75 4.62 30.85
CA ALA C 221 18.32 3.36 30.40
C ALA C 221 19.72 3.58 29.89
N HIS C 222 19.85 4.45 28.89
CA HIS C 222 21.16 4.73 28.34
C HIS C 222 22.08 5.16 29.46
N GLU C 223 21.78 6.27 30.10
CA GLU C 223 22.60 6.78 31.19
C GLU C 223 22.98 5.67 32.16
N THR C 224 21.99 4.83 32.47
CA THR C 224 22.19 3.72 33.38
C THR C 224 23.27 2.79 32.87
N ILE C 225 22.95 2.11 31.78
CA ILE C 225 23.84 1.17 31.13
C ILE C 225 25.24 1.75 30.99
N PHE C 226 25.32 2.91 30.36
CA PHE C 226 26.60 3.58 30.15
C PHE C 226 27.44 3.51 31.41
N LYS C 227 26.77 3.54 32.55
CA LYS C 227 27.47 3.48 33.83
C LYS C 227 27.88 2.03 34.12
N LYS C 228 27.91 1.19 33.10
CA LYS C 228 28.27 -0.22 33.24
C LYS C 228 28.87 -0.81 31.96
N MET D 1 -11.10 35.83 -16.98
CA MET D 1 -11.32 34.65 -17.87
C MET D 1 -10.45 33.48 -17.42
N ALA D 2 -10.53 32.37 -18.15
CA ALA D 2 -9.75 31.19 -17.81
C ALA D 2 -8.47 31.06 -18.63
N ASP D 3 -7.43 30.55 -17.98
CA ASP D 3 -6.11 30.36 -18.59
C ASP D 3 -6.00 28.92 -19.08
N VAL D 4 -6.04 28.74 -20.40
CA VAL D 4 -5.95 27.40 -20.99
C VAL D 4 -4.81 27.33 -22.00
N GLU D 5 -4.30 26.14 -22.26
CA GLU D 5 -3.20 25.98 -23.21
C GLU D 5 -3.69 26.32 -24.62
N THR D 6 -2.77 26.78 -25.46
CA THR D 6 -3.11 27.16 -26.83
C THR D 6 -2.19 26.52 -27.87
N GLU D 7 -2.39 26.94 -29.12
CA GLU D 7 -1.60 26.44 -30.23
C GLU D 7 -0.15 26.57 -29.83
N THR D 8 0.18 27.71 -29.20
CA THR D 8 1.54 27.97 -28.76
C THR D 8 2.03 26.82 -27.90
N GLY D 9 1.44 26.68 -26.71
CA GLY D 9 1.86 25.60 -25.85
C GLY D 9 2.02 24.35 -26.68
N MET D 10 0.99 24.01 -27.45
CA MET D 10 1.06 22.83 -28.29
C MET D 10 2.36 22.74 -29.07
N ILE D 11 2.65 23.79 -29.81
CA ILE D 11 3.87 23.87 -30.61
C ILE D 11 5.04 23.38 -29.77
N ALA D 12 5.38 24.19 -28.78
CA ALA D 12 6.47 23.91 -27.88
C ALA D 12 6.56 22.42 -27.57
N GLN D 13 5.50 21.87 -27.01
CA GLN D 13 5.47 20.47 -26.64
C GLN D 13 5.85 19.62 -27.84
N TRP D 14 5.15 19.83 -28.94
CA TRP D 14 5.43 19.08 -30.15
C TRP D 14 6.91 19.06 -30.44
N ILE D 15 7.54 20.21 -30.24
CA ILE D 15 8.98 20.34 -30.46
C ILE D 15 9.72 19.40 -29.52
N VAL D 16 9.41 19.50 -28.23
CA VAL D 16 10.05 18.64 -27.27
C VAL D 16 9.84 17.20 -27.69
N PHE D 17 8.65 16.91 -28.20
CA PHE D 17 8.36 15.56 -28.62
C PHE D 17 9.46 15.03 -29.49
N ALA D 18 9.68 15.73 -30.60
CA ALA D 18 10.71 15.37 -31.58
C ALA D 18 12.08 15.11 -30.94
N ILE D 19 12.52 16.08 -30.16
CA ILE D 19 13.79 15.93 -29.49
C ILE D 19 13.82 14.61 -28.72
N MET D 20 12.92 14.46 -27.76
CA MET D 20 12.85 13.24 -26.98
C MET D 20 12.88 12.04 -27.89
N ALA D 21 11.96 12.02 -28.85
CA ALA D 21 11.84 10.93 -29.80
C ALA D 21 13.18 10.54 -30.43
N ALA D 22 13.91 11.56 -30.89
CA ALA D 22 15.22 11.36 -31.52
C ALA D 22 16.19 10.70 -30.55
N ALA D 23 16.40 11.35 -29.41
CA ALA D 23 17.29 10.83 -28.39
C ALA D 23 16.91 9.38 -28.16
N ALA D 24 15.62 9.13 -28.06
CA ALA D 24 15.13 7.78 -27.86
C ALA D 24 15.68 6.92 -28.96
N ILE D 25 15.34 7.23 -30.21
CA ILE D 25 15.82 6.46 -31.34
C ILE D 25 17.34 6.34 -31.31
N ALA D 26 18.00 7.47 -31.12
CA ALA D 26 19.46 7.53 -31.09
C ALA D 26 20.05 6.51 -30.13
N PHE D 27 19.72 6.65 -28.85
CA PHE D 27 20.22 5.73 -27.84
C PHE D 27 19.71 4.36 -28.17
N GLY D 28 18.42 4.31 -28.43
CA GLY D 28 17.78 3.05 -28.78
C GLY D 28 18.61 2.21 -29.73
N VAL D 29 19.18 2.83 -30.76
CA VAL D 29 19.99 2.09 -31.71
C VAL D 29 21.36 1.89 -31.09
N ALA D 30 22.08 2.98 -30.91
CA ALA D 30 23.42 2.96 -30.35
C ALA D 30 23.65 1.72 -29.48
N VAL D 31 22.91 1.64 -28.40
CA VAL D 31 23.02 0.54 -27.44
C VAL D 31 23.40 -0.80 -28.05
N HIS D 32 22.81 -1.14 -29.18
CA HIS D 32 23.10 -2.42 -29.83
C HIS D 32 24.54 -2.57 -30.26
N PHE D 33 25.32 -1.49 -30.15
CA PHE D 33 26.71 -1.52 -30.58
C PHE D 33 27.66 -1.23 -29.46
N ARG D 34 27.26 -1.58 -28.25
CA ARG D 34 28.07 -1.37 -27.07
C ARG D 34 28.20 -2.70 -26.32
N PRO D 35 28.89 -2.70 -25.17
CA PRO D 35 29.08 -3.90 -24.35
C PRO D 35 28.01 -4.07 -23.25
N LEU D 38 27.96 -2.58 -20.27
CA LEU D 38 27.78 -1.15 -20.59
C LEU D 38 26.37 -0.82 -21.14
N LYS D 39 25.72 -1.80 -21.78
CA LYS D 39 24.40 -1.59 -22.34
C LYS D 39 23.37 -0.93 -21.42
N SER D 40 23.41 -1.29 -20.15
CA SER D 40 22.45 -0.78 -19.16
C SER D 40 22.32 0.74 -19.12
N ALA D 41 23.45 1.43 -18.97
CA ALA D 41 23.45 2.89 -18.90
C ALA D 41 22.59 3.44 -20.03
N TYR D 42 22.74 2.82 -21.19
CA TYR D 42 21.98 3.21 -22.37
C TYR D 42 20.48 3.00 -22.12
N TYR D 43 20.12 1.79 -21.74
CA TYR D 43 18.73 1.49 -21.45
C TYR D 43 18.08 2.54 -20.56
N ILE D 44 18.76 2.89 -19.48
CA ILE D 44 18.19 3.87 -18.58
C ILE D 44 17.74 5.10 -19.33
N ASN D 45 18.66 5.71 -20.06
CA ASN D 45 18.33 6.91 -20.79
C ASN D 45 17.40 6.68 -21.96
N ILE D 46 17.32 5.46 -22.45
CA ILE D 46 16.38 5.19 -23.54
C ILE D 46 14.99 5.32 -22.95
N ALA D 47 14.78 4.66 -21.82
CA ALA D 47 13.51 4.67 -21.13
C ALA D 47 13.09 6.10 -20.85
N ILE D 48 13.97 6.82 -20.15
CA ILE D 48 13.72 8.20 -19.81
C ILE D 48 13.13 8.98 -20.98
N CYS D 49 13.87 9.06 -22.08
CA CYS D 49 13.39 9.81 -23.24
C CYS D 49 12.15 9.20 -23.89
N THR D 50 12.08 7.89 -23.89
CA THR D 50 10.90 7.26 -24.48
C THR D 50 9.70 7.69 -23.65
N ILE D 51 9.86 7.67 -22.34
CA ILE D 51 8.79 8.08 -21.44
C ILE D 51 8.35 9.48 -21.81
N ALA D 52 9.28 10.43 -21.63
CA ALA D 52 9.01 11.83 -21.94
C ALA D 52 8.28 11.94 -23.27
N ALA D 53 8.97 11.50 -24.32
CA ALA D 53 8.44 11.52 -25.67
C ALA D 53 6.95 11.23 -25.65
N THR D 54 6.60 10.15 -24.98
CA THR D 54 5.21 9.73 -24.89
C THR D 54 4.36 10.77 -24.20
N ALA D 55 4.82 11.21 -23.03
CA ALA D 55 4.12 12.20 -22.24
C ALA D 55 3.88 13.45 -23.05
N TYR D 56 4.93 13.99 -23.64
CA TYR D 56 4.74 15.18 -24.42
C TYR D 56 3.76 14.92 -25.55
N TYR D 57 3.88 13.75 -26.17
CA TYR D 57 2.98 13.41 -27.26
C TYR D 57 1.54 13.49 -26.83
N ALA D 58 1.27 13.07 -25.61
CA ALA D 58 -0.08 13.13 -25.12
C ALA D 58 -0.49 14.59 -24.92
N MET D 59 0.30 15.30 -24.12
CA MET D 59 0.01 16.69 -23.84
C MET D 59 -0.33 17.44 -25.11
N ALA D 60 0.51 17.25 -26.12
CA ALA D 60 0.33 17.95 -27.38
C ALA D 60 -0.97 17.68 -28.08
N VAL D 61 -1.31 16.41 -28.25
CA VAL D 61 -2.53 16.08 -28.96
C VAL D 61 -3.80 16.46 -28.19
N ASN D 62 -3.66 16.68 -26.88
CA ASN D 62 -4.82 17.00 -26.08
C ASN D 62 -4.83 18.34 -25.40
N TYR D 63 -4.04 19.28 -25.89
CA TYR D 63 -4.02 20.58 -25.25
C TYR D 63 -5.42 21.19 -25.15
N GLN D 64 -6.38 20.57 -25.83
CA GLN D 64 -7.77 21.05 -25.84
C GLN D 64 -8.68 20.39 -24.80
N ASP D 65 -8.46 19.10 -24.53
CA ASP D 65 -9.26 18.36 -23.55
C ASP D 65 -8.79 18.81 -22.18
N LEU D 66 -9.40 19.89 -21.72
CA LEU D 66 -9.03 20.51 -20.46
C LEU D 66 -9.73 20.09 -19.16
N THR D 67 -8.92 19.66 -18.19
CA THR D 67 -9.40 19.32 -16.86
C THR D 67 -8.83 20.54 -16.11
N MET D 68 -9.63 21.14 -15.22
CA MET D 68 -9.17 22.33 -14.55
C MET D 68 -9.35 22.46 -13.06
N ASN D 69 -8.34 23.07 -12.43
CA ASN D 69 -8.35 23.33 -11.00
C ASN D 69 -8.52 24.83 -10.92
N GLY D 70 -9.74 25.26 -10.65
CA GLY D 70 -10.03 26.69 -10.61
C GLY D 70 -10.33 27.09 -12.05
N GLU D 71 -9.85 28.26 -12.46
CA GLU D 71 -10.07 28.73 -13.83
C GLU D 71 -8.73 28.72 -14.57
N ARG D 72 -7.98 27.64 -14.36
CA ARG D 72 -6.69 27.46 -15.00
C ARG D 72 -6.50 25.97 -15.24
N GLN D 73 -6.34 25.59 -16.50
CA GLN D 73 -6.14 24.19 -16.88
C GLN D 73 -4.85 23.60 -16.33
N VAL D 74 -4.91 22.36 -15.88
CA VAL D 74 -3.70 21.73 -15.37
C VAL D 74 -3.27 20.63 -16.33
N VAL D 75 -2.07 20.75 -16.89
CA VAL D 75 -1.54 19.76 -17.81
C VAL D 75 -0.78 18.77 -16.96
N TYR D 76 -1.52 17.85 -16.36
CA TYR D 76 -0.96 16.86 -15.47
C TYR D 76 -0.04 15.79 -16.04
N ALA D 77 -0.25 15.43 -17.31
CA ALA D 77 0.59 14.40 -17.93
C ALA D 77 2.05 14.52 -17.52
N ARG D 78 2.51 15.74 -17.30
CA ARG D 78 3.89 15.96 -16.92
C ARG D 78 4.28 15.31 -15.60
N TYR D 79 3.37 15.31 -14.63
CA TYR D 79 3.68 14.71 -13.34
C TYR D 79 3.95 13.24 -13.51
N ILE D 80 3.17 12.62 -14.38
CA ILE D 80 3.35 11.22 -14.66
C ILE D 80 4.77 11.03 -15.17
N ASP D 81 5.09 11.72 -16.26
CA ASP D 81 6.44 11.69 -16.81
C ASP D 81 7.41 11.76 -15.63
N TRP D 82 7.44 12.92 -14.99
CA TRP D 82 8.32 13.19 -13.86
C TRP D 82 8.40 12.07 -12.85
N VAL D 83 7.26 11.54 -12.43
CA VAL D 83 7.27 10.49 -11.43
C VAL D 83 8.07 9.30 -11.92
N LEU D 84 8.01 9.04 -13.22
CA LEU D 84 8.72 7.90 -13.77
C LEU D 84 10.16 8.21 -14.14
N THR D 85 10.35 9.39 -14.70
CA THR D 85 11.66 9.78 -15.16
C THR D 85 12.63 10.19 -14.05
N THR D 86 12.19 11.08 -13.17
CA THR D 86 13.04 11.55 -12.08
C THR D 86 13.73 10.42 -11.34
N PRO D 87 13.00 9.36 -10.97
CA PRO D 87 13.73 8.31 -10.28
C PRO D 87 14.85 7.77 -11.17
N LEU D 88 14.53 7.50 -12.44
CA LEU D 88 15.51 7.01 -13.37
C LEU D 88 16.70 7.94 -13.55
N LEU D 89 16.48 9.23 -13.34
CA LEU D 89 17.54 10.20 -13.49
C LEU D 89 18.53 10.12 -12.34
N LEU D 90 17.99 9.93 -11.12
CA LEU D 90 18.84 9.81 -9.95
C LEU D 90 19.70 8.58 -10.15
N LEU D 91 19.06 7.50 -10.60
CA LEU D 91 19.72 6.24 -10.84
C LEU D 91 20.92 6.43 -11.76
N ASP D 92 20.74 7.19 -12.83
CA ASP D 92 21.81 7.46 -13.78
C ASP D 92 23.08 7.85 -13.05
N LEU D 93 22.92 8.45 -11.88
CA LEU D 93 24.06 8.87 -11.08
C LEU D 93 24.39 7.80 -10.06
N ILE D 94 23.36 7.24 -9.44
CA ILE D 94 23.55 6.22 -8.42
C ILE D 94 24.48 5.09 -8.88
N VAL D 95 24.45 4.78 -10.16
CA VAL D 95 25.28 3.71 -10.70
C VAL D 95 26.76 4.08 -10.67
N MET D 96 27.03 5.38 -10.70
CA MET D 96 28.40 5.82 -10.66
C MET D 96 28.92 5.73 -9.22
N THR D 97 28.03 5.39 -8.29
CA THR D 97 28.40 5.26 -6.88
C THR D 97 28.21 3.84 -6.35
N LYS D 98 28.75 3.61 -5.15
CA LYS D 98 28.63 2.32 -4.50
C LYS D 98 27.56 2.37 -3.42
N MET D 99 26.64 3.33 -3.55
CA MET D 99 25.56 3.55 -2.60
C MET D 99 24.79 2.25 -2.29
N GLY D 100 24.37 2.08 -1.04
CA GLY D 100 23.66 0.89 -0.64
C GLY D 100 22.17 0.85 -0.92
N GLY D 101 21.66 -0.34 -1.26
CA GLY D 101 20.25 -0.48 -1.57
C GLY D 101 19.37 0.33 -0.63
N VAL D 102 19.48 0.04 0.66
CA VAL D 102 18.69 0.74 1.68
C VAL D 102 18.67 2.25 1.43
N MET D 103 19.81 2.83 1.10
CA MET D 103 19.89 4.27 0.85
C MET D 103 19.23 4.64 -0.47
N ILE D 104 19.40 3.78 -1.47
CA ILE D 104 18.81 4.05 -2.77
C ILE D 104 17.32 4.26 -2.53
N SER D 105 16.70 3.24 -1.96
CA SER D 105 15.28 3.27 -1.69
C SER D 105 14.86 4.58 -1.03
N TRP D 106 15.72 5.10 -0.17
CA TRP D 106 15.38 6.34 0.51
C TRP D 106 15.39 7.54 -0.43
N VAL D 107 16.45 7.70 -1.20
CA VAL D 107 16.46 8.83 -2.11
C VAL D 107 15.29 8.69 -3.07
N ILE D 108 15.11 7.48 -3.60
CA ILE D 108 14.03 7.22 -4.54
C ILE D 108 12.67 7.51 -3.93
N GLY D 109 12.39 6.86 -2.80
CA GLY D 109 11.12 7.10 -2.14
C GLY D 109 10.84 8.58 -1.99
N ALA D 110 11.82 9.30 -1.46
CA ALA D 110 11.70 10.75 -1.26
C ALA D 110 11.29 11.40 -2.57
N ASP D 111 12.06 11.11 -3.60
CA ASP D 111 11.80 11.63 -4.91
C ASP D 111 10.33 11.47 -5.28
N ILE D 112 9.87 10.22 -5.38
CA ILE D 112 8.49 9.92 -5.74
C ILE D 112 7.46 10.81 -5.06
N PHE D 113 7.57 10.94 -3.75
CA PHE D 113 6.64 11.78 -3.00
C PHE D 113 6.76 13.22 -3.45
N MET D 114 7.99 13.66 -3.68
CA MET D 114 8.21 15.03 -4.13
C MET D 114 7.25 15.27 -5.27
N ILE D 115 7.25 14.35 -6.24
CA ILE D 115 6.35 14.52 -7.35
C ILE D 115 4.90 14.52 -6.92
N VAL D 116 4.45 13.42 -6.32
CA VAL D 116 3.06 13.33 -5.89
C VAL D 116 2.58 14.58 -5.16
N PHE D 117 3.37 15.08 -4.22
CA PHE D 117 2.95 16.26 -3.52
C PHE D 117 2.61 17.29 -4.56
N GLY D 118 3.53 17.48 -5.50
CA GLY D 118 3.31 18.44 -6.55
C GLY D 118 1.97 18.20 -7.20
N ILE D 119 1.72 16.95 -7.57
CA ILE D 119 0.46 16.63 -8.18
C ILE D 119 -0.67 17.01 -7.26
N LEU D 120 -0.53 16.69 -5.98
CA LEU D 120 -1.55 17.02 -5.01
C LEU D 120 -1.84 18.50 -5.04
N GLY D 121 -0.77 19.29 -4.93
CA GLY D 121 -0.92 20.73 -4.95
C GLY D 121 -1.54 21.21 -6.24
N ALA D 122 -1.10 20.63 -7.35
CA ALA D 122 -1.59 20.99 -8.68
C ALA D 122 -3.10 20.92 -8.81
N PHE D 123 -3.74 20.05 -8.03
CA PHE D 123 -5.18 19.90 -8.07
C PHE D 123 -5.90 20.41 -6.83
N GLU D 124 -5.19 21.15 -5.99
CA GLU D 124 -5.81 21.67 -4.79
C GLU D 124 -6.44 23.05 -5.02
N ASP D 125 -7.60 23.27 -4.41
CA ASP D 125 -8.31 24.54 -4.53
C ASP D 125 -7.73 25.52 -3.53
N GLU D 126 -8.00 25.25 -2.26
CA GLU D 126 -7.52 26.11 -1.18
C GLU D 126 -6.04 26.45 -1.27
N HIS D 127 -5.76 27.73 -1.44
CA HIS D 127 -4.39 28.18 -1.51
C HIS D 127 -3.70 27.69 -0.24
N LYS D 128 -4.47 27.72 0.85
CA LYS D 128 -4.00 27.29 2.17
C LYS D 128 -3.31 25.93 2.13
N PHE D 129 -3.85 25.02 1.34
CA PHE D 129 -3.29 23.69 1.25
C PHE D 129 -2.30 23.59 0.11
N LYS D 130 -2.68 24.18 -1.01
CA LYS D 130 -1.84 24.16 -2.19
C LYS D 130 -0.40 24.33 -1.77
N TRP D 131 -0.15 25.41 -1.06
CA TRP D 131 1.20 25.70 -0.63
C TRP D 131 1.80 24.73 0.38
N VAL D 132 0.99 24.26 1.31
CA VAL D 132 1.49 23.28 2.26
C VAL D 132 2.12 22.17 1.44
N TYR D 133 1.34 21.60 0.53
CA TYR D 133 1.84 20.51 -0.32
C TYR D 133 3.14 20.95 -0.97
N PHE D 134 3.13 22.16 -1.50
CA PHE D 134 4.31 22.67 -2.15
C PHE D 134 5.50 22.52 -1.23
N ILE D 135 5.34 22.96 0.00
CA ILE D 135 6.42 22.87 0.96
C ILE D 135 6.90 21.43 1.01
N ALA D 136 5.96 20.54 1.28
CA ALA D 136 6.26 19.12 1.37
C ALA D 136 7.29 18.70 0.33
N GLY D 137 6.90 18.76 -0.94
CA GLY D 137 7.80 18.39 -2.00
C GLY D 137 9.17 19.01 -1.87
N CYS D 138 9.21 20.33 -1.67
CA CYS D 138 10.50 21.00 -1.52
C CYS D 138 11.28 20.26 -0.46
N VAL D 139 10.62 19.97 0.65
CA VAL D 139 11.27 19.26 1.71
C VAL D 139 11.77 17.92 1.21
N MET D 140 11.03 17.32 0.29
CA MET D 140 11.45 16.05 -0.26
C MET D 140 12.65 16.28 -1.16
N GLN D 141 12.53 17.23 -2.06
CA GLN D 141 13.66 17.54 -2.94
C GLN D 141 14.86 17.78 -2.04
N ALA D 142 14.62 18.41 -0.91
CA ALA D 142 15.68 18.70 0.04
C ALA D 142 16.32 17.39 0.49
N VAL D 143 15.57 16.63 1.28
CA VAL D 143 16.03 15.33 1.77
C VAL D 143 16.81 14.67 0.65
N LEU D 144 16.07 14.34 -0.40
CA LEU D 144 16.60 13.72 -1.57
C LEU D 144 18.00 14.23 -1.92
N THR D 145 18.09 15.54 -2.17
CA THR D 145 19.36 16.17 -2.54
C THR D 145 20.45 15.86 -1.51
N TYR D 146 20.14 16.10 -0.24
CA TYR D 146 21.08 15.86 0.84
C TYR D 146 21.74 14.49 0.66
N GLY D 147 20.94 13.43 0.65
CA GLY D 147 21.48 12.09 0.51
C GLY D 147 22.42 11.92 -0.66
N MET D 148 22.01 12.48 -1.79
CA MET D 148 22.80 12.41 -3.00
C MET D 148 24.20 12.97 -2.79
N TYR D 149 24.32 13.92 -1.88
CA TYR D 149 25.61 14.50 -1.62
C TYR D 149 26.42 13.74 -0.60
N ASN D 150 25.78 12.91 0.21
CA ASN D 150 26.53 12.15 1.19
C ASN D 150 27.50 11.24 0.45
N ALA D 151 27.09 10.76 -0.71
CA ALA D 151 27.94 9.90 -1.52
C ALA D 151 29.02 10.72 -2.19
N THR D 152 29.16 11.96 -1.74
CA THR D 152 30.16 12.85 -2.27
C THR D 152 31.35 12.86 -1.33
N TRP D 153 31.12 13.28 -0.09
CA TRP D 153 32.21 13.33 0.88
C TRP D 153 32.44 11.97 1.53
N LYS D 154 31.38 11.35 2.02
CA LYS D 154 31.48 10.03 2.65
C LYS D 154 32.19 9.12 1.66
N ASP D 155 33.32 8.57 2.09
CA ASP D 155 34.16 7.72 1.24
C ASP D 155 33.56 6.47 0.61
N ASP D 156 32.44 6.62 -0.10
CA ASP D 156 31.77 5.49 -0.76
C ASP D 156 30.73 5.91 -1.81
N LYS D 159 32.60 4.24 -5.87
CA LYS D 159 33.41 3.60 -6.91
C LYS D 159 34.75 4.32 -7.11
N SER D 160 35.34 4.10 -8.30
CA SER D 160 36.64 4.69 -8.69
C SER D 160 36.75 6.21 -8.58
N PRO D 161 37.98 6.73 -8.51
CA PRO D 161 38.16 8.18 -8.41
C PRO D 161 37.64 8.95 -9.64
N GLU D 162 37.67 8.29 -10.80
CA GLU D 162 37.16 8.91 -12.02
C GLU D 162 35.66 9.11 -11.80
N TYR D 163 34.96 7.99 -11.61
CA TYR D 163 33.53 8.04 -11.38
C TYR D 163 33.19 9.11 -10.38
N HIS D 164 33.68 8.96 -9.15
CA HIS D 164 33.42 9.92 -8.10
C HIS D 164 33.39 11.32 -8.68
N SER D 165 34.42 11.65 -9.43
CA SER D 165 34.47 12.97 -10.03
C SER D 165 33.28 13.23 -10.95
N SER D 166 33.16 12.45 -12.02
CA SER D 166 32.07 12.63 -12.95
C SER D 166 30.76 12.75 -12.17
N TYR D 167 30.60 11.88 -11.18
CA TYR D 167 29.42 11.87 -10.33
C TYR D 167 29.20 13.27 -9.80
N VAL D 168 30.15 13.70 -8.97
CA VAL D 168 30.08 15.03 -8.37
C VAL D 168 29.59 16.00 -9.43
N SER D 169 30.39 16.09 -10.48
CA SER D 169 30.09 16.95 -11.61
C SER D 169 28.59 16.92 -11.95
N LEU D 170 28.18 15.89 -12.68
CA LEU D 170 26.79 15.74 -13.08
C LEU D 170 25.81 16.16 -12.00
N LEU D 171 26.08 15.73 -10.77
CA LEU D 171 25.18 16.06 -9.66
C LEU D 171 24.97 17.56 -9.47
N VAL D 172 26.05 18.29 -9.29
CA VAL D 172 25.90 19.72 -9.11
C VAL D 172 25.06 20.28 -10.26
N PHE D 173 25.23 19.71 -11.44
CA PHE D 173 24.46 20.16 -12.58
C PHE D 173 22.99 19.83 -12.36
N LEU D 174 22.72 18.57 -12.04
CA LEU D 174 21.33 18.15 -11.83
C LEU D 174 20.71 18.88 -10.63
N SER D 175 21.45 18.87 -9.53
CA SER D 175 21.00 19.50 -8.28
C SER D 175 20.49 20.92 -8.47
N ILE D 176 21.30 21.75 -9.10
CA ILE D 176 20.90 23.13 -9.33
C ILE D 176 19.71 23.23 -10.27
N LEU D 177 19.87 22.65 -11.45
CA LEU D 177 18.82 22.65 -12.45
C LEU D 177 17.43 22.37 -11.85
N TRP D 178 17.30 21.22 -11.19
CA TRP D 178 16.04 20.81 -10.60
C TRP D 178 15.28 21.85 -9.78
N VAL D 179 16.00 22.60 -8.94
CA VAL D 179 15.35 23.62 -8.12
C VAL D 179 14.55 24.59 -9.00
N PHE D 180 14.81 24.58 -10.29
CA PHE D 180 14.08 25.48 -11.16
C PHE D 180 12.66 25.01 -11.40
N TYR D 181 12.48 23.70 -11.45
CA TYR D 181 11.14 23.17 -11.65
C TYR D 181 10.17 23.77 -10.65
N PRO D 182 10.44 23.54 -9.34
CA PRO D 182 9.58 24.07 -8.28
C PRO D 182 9.37 25.56 -8.41
N VAL D 183 10.40 26.26 -8.85
CA VAL D 183 10.28 27.68 -9.02
C VAL D 183 9.24 27.97 -10.09
N VAL D 184 9.42 27.39 -11.27
CA VAL D 184 8.47 27.62 -12.34
C VAL D 184 7.08 27.21 -11.90
N TRP D 185 7.00 26.03 -11.29
CA TRP D 185 5.74 25.53 -10.82
C TRP D 185 5.10 26.61 -9.97
N ALA D 186 5.73 26.86 -8.82
CA ALA D 186 5.24 27.87 -7.89
C ALA D 186 4.62 29.03 -8.64
N PHE D 187 5.28 29.46 -9.71
CA PHE D 187 4.80 30.58 -10.48
C PHE D 187 3.50 30.37 -11.25
N GLY D 188 3.48 29.38 -12.12
CA GLY D 188 2.27 29.15 -12.89
C GLY D 188 1.34 28.16 -12.23
N SER D 189 1.62 26.89 -12.47
CA SER D 189 0.82 25.81 -11.92
C SER D 189 0.38 26.11 -10.49
N GLY D 190 1.25 26.74 -9.73
CA GLY D 190 0.94 27.05 -8.35
C GLY D 190 0.28 28.38 -8.11
N SER D 191 0.95 29.45 -8.51
CA SER D 191 0.44 30.79 -8.32
C SER D 191 -0.59 31.23 -9.35
N GLY D 192 -0.20 31.16 -10.62
CA GLY D 192 -1.12 31.56 -11.67
C GLY D 192 -0.53 32.74 -12.39
N VAL D 193 0.43 33.40 -11.76
CA VAL D 193 1.10 34.57 -12.35
C VAL D 193 1.80 34.21 -13.68
N LEU D 194 1.84 32.93 -13.99
CA LEU D 194 2.48 32.45 -15.20
C LEU D 194 1.48 31.77 -16.11
N SER D 195 1.55 32.03 -17.41
CA SER D 195 0.62 31.42 -18.36
C SER D 195 0.82 29.91 -18.48
N VAL D 196 -0.23 29.22 -18.90
CA VAL D 196 -0.12 27.79 -19.07
C VAL D 196 0.93 27.51 -20.14
N ASP D 197 0.92 28.31 -21.21
CA ASP D 197 1.86 28.15 -22.31
C ASP D 197 3.28 28.42 -21.89
N ASN D 198 3.51 29.58 -21.30
CA ASN D 198 4.85 29.94 -20.85
C ASN D 198 5.38 28.87 -19.90
N GLU D 199 4.55 28.45 -18.94
CA GLU D 199 4.95 27.39 -18.01
C GLU D 199 5.43 26.21 -18.86
N ALA D 200 4.57 25.77 -19.78
CA ALA D 200 4.88 24.66 -20.67
C ALA D 200 6.25 24.85 -21.32
N ILE D 201 6.46 26.00 -21.92
CA ILE D 201 7.72 26.31 -22.58
C ILE D 201 8.87 26.25 -21.60
N LEU D 202 8.69 26.91 -20.45
CA LEU D 202 9.70 26.92 -19.43
C LEU D 202 9.99 25.47 -18.98
N MET D 203 8.96 24.80 -18.46
CA MET D 203 9.13 23.42 -18.05
C MET D 203 9.82 22.74 -19.23
N GLY D 204 9.19 22.82 -20.40
CA GLY D 204 9.75 22.21 -21.61
C GLY D 204 11.24 22.44 -21.74
N ILE D 205 11.67 23.69 -21.59
CA ILE D 205 13.08 24.02 -21.70
C ILE D 205 13.86 23.19 -20.69
N LEU D 206 13.37 23.16 -19.46
CA LEU D 206 14.05 22.41 -18.43
C LEU D 206 14.19 20.95 -18.81
N ASP D 207 13.06 20.31 -19.09
CA ASP D 207 13.05 18.89 -19.45
C ASP D 207 14.20 18.52 -20.40
N VAL D 208 14.32 19.26 -21.50
CA VAL D 208 15.36 18.99 -22.49
C VAL D 208 16.78 19.12 -21.92
N LEU D 209 16.93 19.94 -20.91
CA LEU D 209 18.24 20.08 -20.29
C LEU D 209 18.44 18.90 -19.36
N ALA D 210 17.41 18.65 -18.58
CA ALA D 210 17.41 17.60 -17.59
C ALA D 210 17.49 16.18 -18.13
N LYS D 211 16.87 15.94 -19.29
CA LYS D 211 16.85 14.58 -19.85
C LYS D 211 17.84 14.24 -20.97
N PRO D 212 17.62 14.74 -22.21
CA PRO D 212 18.57 14.42 -23.30
C PRO D 212 20.02 14.77 -22.97
N LEU D 213 20.24 16.07 -22.72
CA LEU D 213 21.57 16.59 -22.40
C LEU D 213 22.24 15.81 -21.27
N PHE D 214 21.56 15.74 -20.13
CA PHE D 214 22.07 15.00 -18.98
C PHE D 214 22.46 13.62 -19.46
N GLY D 215 21.52 12.96 -20.14
CA GLY D 215 21.76 11.63 -20.66
C GLY D 215 23.10 11.54 -21.34
N MET D 216 23.34 12.40 -22.32
CA MET D 216 24.61 12.41 -23.03
C MET D 216 25.73 12.46 -22.02
N GLY D 217 25.68 13.46 -21.16
CA GLY D 217 26.71 13.59 -20.15
C GLY D 217 27.03 12.23 -19.58
N CYS D 218 26.03 11.58 -19.03
CA CYS D 218 26.20 10.27 -18.42
C CYS D 218 26.81 9.29 -19.39
N LEU D 219 26.11 9.04 -20.49
CA LEU D 219 26.61 8.11 -21.49
C LEU D 219 28.07 8.38 -21.79
N ILE D 220 28.42 9.64 -22.04
CA ILE D 220 29.80 9.96 -22.34
C ILE D 220 30.66 9.50 -21.18
N ALA D 221 30.40 10.08 -20.01
CA ALA D 221 31.13 9.75 -18.80
C ALA D 221 31.41 8.26 -18.76
N HIS D 222 30.34 7.47 -18.83
CA HIS D 222 30.50 6.03 -18.80
C HIS D 222 31.46 5.61 -19.89
N GLU D 223 31.07 5.85 -21.13
CA GLU D 223 31.90 5.50 -22.28
C GLU D 223 33.35 5.94 -22.06
N THR D 224 33.52 7.15 -21.54
CA THR D 224 34.83 7.70 -21.27
C THR D 224 35.59 6.81 -20.30
N ILE D 225 35.13 6.80 -19.06
CA ILE D 225 35.72 6.01 -18.00
C ILE D 225 36.02 4.60 -18.48
N PHE D 226 34.99 3.89 -18.94
CA PHE D 226 35.13 2.52 -19.45
C PHE D 226 36.41 2.40 -20.25
N LYS D 227 36.78 3.47 -20.93
CA LYS D 227 37.98 3.49 -21.76
C LYS D 227 39.20 3.69 -20.87
N LYS D 228 39.04 3.41 -19.57
CA LYS D 228 40.11 3.55 -18.59
C LYS D 228 39.91 2.64 -17.38
C1 RET E . -19.11 -11.94 5.17
C2 RET E . -19.75 -11.39 3.86
C3 RET E . -19.23 -11.81 2.58
C4 RET E . -18.81 -13.26 2.50
C5 RET E . -18.12 -13.84 3.72
C6 RET E . -18.22 -13.27 5.01
C7 RET E . -17.48 -14.01 6.16
C8 RET E . -17.36 -13.71 7.47
C9 RET E . -16.80 -14.49 8.57
C10 RET E . -16.77 -13.89 9.80
C11 RET E . -16.30 -14.42 11.08
C12 RET E . -16.28 -13.65 12.18
C13 RET E . -15.81 -13.99 13.53
C14 RET E . -15.79 -12.98 14.46
C15 RET E . -15.23 -12.93 15.83
C16 RET E . -20.03 -11.75 6.35
C17 RET E . -18.12 -10.79 5.43
C18 RET E . -17.37 -15.13 3.37
C19 RET E . -16.32 -15.91 8.34
C20 RET E . -15.27 -15.38 13.83
C1 CLR F . -6.91 -24.49 35.75
C2 CLR F . -5.64 -25.22 36.28
C3 CLR F . -5.13 -26.18 35.19
C4 CLR F . -4.78 -25.50 33.82
C5 CLR F . -6.05 -24.73 33.40
C6 CLR F . -6.55 -24.96 32.21
C7 CLR F . -7.82 -24.24 31.75
C8 CLR F . -8.04 -22.90 32.48
C9 CLR F . -7.97 -23.11 33.86
C10 CLR F . -6.64 -23.76 34.40
C11 CLR F . -8.27 -21.79 34.68
C12 CLR F . -9.65 -21.25 34.25
C13 CLR F . -9.70 -20.94 32.75
C14 CLR F . -9.40 -22.29 32.05
C15 CLR F . -9.67 -21.92 30.56
C16 CLR F . -11.02 -21.16 30.75
C17 CLR F . -11.08 -20.54 32.17
C18 CLR F . -8.60 -19.90 32.38
C19 CLR F . -5.59 -22.64 34.56
C20 CLR F . -11.52 -19.04 32.14
C21 CLR F . -11.58 -18.47 33.58
C22 CLR F . -12.95 -19.01 31.52
C23 CLR F . -13.55 -17.61 31.44
C24 CLR F . -14.95 -17.74 30.84
C25 CLR F . -15.66 -16.38 30.71
C26 CLR F . -17.04 -16.62 30.09
C27 CLR F . -15.86 -15.72 32.08
O1 CLR F . -3.97 -26.89 35.67
C1 CLR G . -5.74 -21.61 37.78
C2 CLR G . -4.77 -22.62 38.49
C3 CLR G . -3.52 -21.85 38.97
C4 CLR G . -3.80 -20.67 39.93
C5 CLR G . -4.81 -19.80 39.20
C6 CLR G . -4.49 -18.57 39.02
C7 CLR G . -5.44 -17.63 38.28
C8 CLR G . -6.92 -18.06 38.39
C9 CLR G . -7.03 -19.39 37.95
C10 CLR G . -6.11 -20.43 38.70
C11 CLR G . -8.55 -19.88 37.94
C12 CLR G . -9.46 -18.88 37.12
C13 CLR G . -9.34 -17.48 37.73
C14 CLR G . -7.81 -17.09 37.58
C15 CLR G . -7.79 -15.60 37.99
C16 CLR G . -9.05 -15.13 37.24
C17 CLR G . -10.05 -16.27 37.04
C18 CLR G . -9.70 -17.53 39.26
C19 CLR G . -6.91 -20.95 39.95
C20 CLR G . -11.42 -15.83 37.63
C21 CLR G . -12.43 -16.97 37.42
C22 CLR G . -11.89 -14.59 36.83
C23 CLR G . -13.22 -14.01 37.30
C24 CLR G . -13.49 -12.82 36.38
C25 CLR G . -14.79 -12.10 36.72
C26 CLR G . -14.94 -10.93 35.75
C27 CLR G . -15.98 -13.01 36.51
O1 CLR G . -2.61 -22.74 39.61
C1 RET H . -2.48 -0.91 -14.58
C2 RET H . -2.83 0.49 -13.96
C3 RET H . -1.97 1.06 -12.94
C4 RET H . -0.49 0.82 -13.12
C5 RET H . -0.09 -0.56 -13.65
C6 RET H . -0.97 -1.42 -14.34
C7 RET H . -0.37 -2.76 -14.84
C8 RET H . -0.96 -3.79 -15.50
C9 RET H . -0.37 -4.96 -16.13
C10 RET H . -1.24 -5.87 -16.68
C11 RET H . -0.96 -7.12 -17.38
C12 RET H . -1.96 -7.91 -17.80
C13 RET H . -1.87 -9.21 -18.49
C14 RET H . -3.05 -9.87 -18.71
C15 RET H . -3.29 -11.24 -19.20
C16 RET H . -3.18 -1.11 -15.90
C17 RET H . -3.36 -1.79 -13.70
C18 RET H . 1.38 -0.83 -13.35
C19 RET H . 1.13 -5.14 -16.17
C20 RET H . -0.51 -9.82 -18.82
C1 CLR I . 4.53 -31.51 -30.55
C2 CLR I . 5.36 -32.78 -30.30
C3 CLR I . 6.67 -32.37 -29.60
C4 CLR I . 6.48 -31.62 -28.23
C5 CLR I . 5.56 -30.42 -28.54
C6 CLR I . 5.96 -29.22 -28.18
C7 CLR I . 5.10 -28.00 -28.49
C8 CLR I . 3.61 -28.35 -28.65
C9 CLR I . 3.47 -29.39 -29.58
C10 CLR I . 4.26 -30.71 -29.25
C11 CLR I . 1.95 -29.75 -29.85
C12 CLR I . 1.19 -28.48 -30.31
C13 CLR I . 1.28 -27.37 -29.26
C14 CLR I . 2.80 -27.08 -29.07
C15 CLR I . 2.78 -25.82 -28.15
C16 CLR I . 1.67 -25.01 -28.90
C17 CLR I . 0.73 -25.97 -29.67
C18 CLR I . 0.65 -27.85 -27.90
C19 CLR I . 3.41 -31.55 -28.25
C20 CLR I . -0.80 -25.64 -29.42
C21 CLR I . -1.69 -26.63 -30.22
C22 CLR I . -1.02 -24.21 -29.95
C23 CLR I . -2.45 -23.71 -29.81
C24 CLR I . -2.52 -22.29 -30.40
C25 CLR I . -3.95 -21.69 -30.31
C26 CLR I . -3.91 -20.30 -30.92
C27 CLR I . -4.95 -22.54 -31.13
O1 CLR I . 7.50 -33.55 -29.40
C1 CLR J . 1.59 -33.77 -30.05
C2 CLR J . 2.58 -34.97 -30.21
C3 CLR J . 2.04 -36.19 -29.40
C4 CLR J . 0.62 -36.65 -29.79
C5 CLR J . -0.24 -35.41 -29.69
C6 CLR J . -1.27 -35.47 -28.93
C7 CLR J . -2.19 -34.27 -28.74
C8 CLR J . -2.17 -33.33 -29.96
C9 CLR J . -0.84 -32.95 -30.23
C10 CLR J . 0.16 -34.15 -30.48
C11 CLR J . -0.75 -31.90 -31.42
C12 CLR J . -1.70 -30.67 -31.15
C13 CLR J . -3.14 -31.17 -30.96
C14 CLR J . -3.08 -32.10 -29.70
C15 CLR J . -4.57 -32.36 -29.42
C16 CLR J . -5.13 -30.94 -29.61
C17 CLR J . -4.27 -30.15 -30.57
C18 CLR J . -3.56 -32.03 -32.21
C19 CLR J . 0.14 -34.49 -31.99
C20 CLR J . -5.18 -29.60 -31.73
C21 CLR J . -4.31 -28.78 -32.69
C22 CLR J . -6.24 -28.68 -31.11
C23 CLR J . -7.21 -28.11 -32.12
C24 CLR J . -8.17 -27.25 -31.30
C25 CLR J . -9.24 -26.57 -32.14
C26 CLR J . -10.16 -25.77 -31.21
C27 CLR J . -8.63 -25.61 -33.16
O1 CLR J . 2.91 -37.30 -29.51
C1 RET K . -4.06 5.63 13.12
C2 RET K . -5.28 5.36 12.15
C3 RET K . -5.28 4.17 11.33
C4 RET K . -4.67 2.93 11.97
C5 RET K . -3.46 3.13 12.86
C6 RET K . -3.10 4.37 13.42
C7 RET K . -1.85 4.39 14.32
C8 RET K . -1.26 5.42 14.98
C9 RET K . -0.20 5.40 16.00
C10 RET K . 0.23 6.62 16.46
C11 RET K . 1.25 6.94 17.45
C12 RET K . 1.59 8.21 17.71
C13 RET K . 2.62 8.70 18.64
C14 RET K . 2.84 10.06 18.64
C15 RET K . 3.88 10.85 19.30
C16 RET K . -4.44 6.60 14.21
C17 RET K . -3.26 6.58 12.22
C18 RET K . -2.72 1.81 13.08
C19 RET K . 0.38 4.09 16.51
C20 RET K . 3.46 7.73 19.45
C1 CLR L . 21.38 12.90 36.37
C2 CLR L . 22.86 12.52 36.65
C3 CLR L . 23.06 11.03 36.27
C4 CLR L . 22.69 10.68 34.77
C5 CLR L . 21.24 11.18 34.55
C6 CLR L . 20.36 10.33 34.08
C7 CLR L . 18.90 10.76 33.87
C8 CLR L . 18.76 12.28 33.68
C9 CLR L . 19.43 12.95 34.72
C10 CLR L . 20.94 12.60 34.91
C11 CLR L . 19.26 14.52 34.62
C12 CLR L . 17.74 14.88 34.58
C13 CLR L . 17.05 14.21 33.39
C14 CLR L . 17.26 12.67 33.58
C15 CLR L . 16.35 12.08 32.46
C16 CLR L . 15.09 12.98 32.68
C17 CLR L . 15.50 14.33 33.31
C18 CLR L . 17.71 14.67 32.03
C19 CLR L . 21.75 13.46 33.90
C20 CLR L . 14.87 15.54 32.56
C21 CLR L . 15.30 16.88 33.24
C22 CLR L . 13.34 15.38 32.69
C23 CLR L . 12.53 16.51 32.04
C24 CLR L . 11.03 16.22 32.29
C25 CLR L . 10.11 17.31 31.70
C26 CLR L . 8.68 16.93 31.99
C27 CLR L . 10.37 18.68 32.35
O1 CLR L . 24.43 10.64 36.56
C1 CLR M . 22.79 16.24 35.55
C2 CLR M . 24.12 15.78 36.24
C3 CLR M . 25.32 16.51 35.55
C4 CLR M . 25.24 18.06 35.60
C5 CLR M . 23.89 18.41 35.01
C6 CLR M . 23.89 19.21 34.01
C7 CLR M . 22.59 19.61 33.32
C8 CLR M . 21.38 19.54 34.27
C9 CLR M . 21.32 18.25 34.84
C10 CLR M . 22.62 17.79 35.61
C11 CLR M . 20.04 18.06 35.77
C12 CLR M . 18.72 18.45 34.98
C13 CLR M . 18.84 19.90 34.49
C14 CLR M . 20.08 19.90 33.51
C15 CLR M . 20.00 21.30 32.86
C16 CLR M . 18.49 21.37 32.60
C17 CLR M . 17.71 20.51 33.58
C18 CLR M . 19.16 20.86 35.71
C19 CLR M . 22.50 18.25 37.09
C20 CLR M . 16.63 21.40 34.29
C21 CLR M . 15.84 20.51 35.28
C22 CLR M . 15.67 21.94 33.22
C23 CLR M . 14.58 22.85 33.76
C24 CLR M . 13.77 23.27 32.53
C25 CLR M . 12.61 24.20 32.87
C26 CLR M . 11.90 24.56 31.57
C27 CLR M . 11.60 23.51 33.78
O1 CLR M . 26.56 16.10 36.13
C1 RET N . 7.20 20.46 -7.92
C2 RET N . 6.12 21.13 -6.99
C3 RET N . 6.29 21.08 -5.56
C4 RET N . 7.70 21.21 -5.04
C5 RET N . 8.79 20.51 -5.85
C6 RET N . 8.62 20.13 -7.20
C7 RET N . 9.84 19.47 -7.91
C8 RET N . 9.98 18.96 -9.16
C9 RET N . 11.17 18.49 -9.84
C10 RET N . 11.01 17.99 -11.11
C11 RET N . 11.99 17.47 -12.05
C12 RET N . 11.61 16.98 -13.24
C13 RET N . 12.46 16.38 -14.30
C14 RET N . 11.82 15.83 -15.37
C15 RET N . 12.32 15.01 -16.49
C16 RET N . 7.12 21.00 -9.33
C17 RET N . 6.50 19.11 -8.10
C18 RET N . 10.06 20.32 -5.04
C19 RET N . 12.54 18.59 -9.19
C20 RET N . 13.96 16.30 -14.12
C1 CLR O . 31.06 7.14 -30.16
C2 CLR O . 32.22 6.12 -30.14
C3 CLR O . 32.93 6.19 -28.76
C4 CLR O . 32.00 5.94 -27.53
C5 CLR O . 30.83 6.93 -27.67
C6 CLR O . 30.55 7.71 -26.66
C7 CLR O . 29.40 8.73 -26.74
C8 CLR O . 28.33 8.33 -27.78
C9 CLR O . 28.96 8.05 -29.00
C10 CLR O . 30.07 6.94 -28.98
C11 CLR O . 27.92 7.70 -30.16
C12 CLR O . 26.91 8.87 -30.27
C13 CLR O . 26.16 9.13 -28.94
C14 CLR O . 27.27 9.45 -27.90
C15 CLR O . 26.42 9.88 -26.68
C16 CLR O . 25.40 10.82 -27.42
C17 CLR O . 25.26 10.39 -28.88
C18 CLR O . 25.39 7.85 -28.50
C19 CLR O . 29.37 5.56 -29.07
C20 CLR O . 23.74 10.28 -29.32
C21 CLR O . 23.65 9.84 -30.80
C22 CLR O . 23.15 11.70 -29.17
C23 CLR O . 21.66 11.78 -29.56
C24 CLR O . 21.22 13.24 -29.39
C25 CLR O . 19.76 13.46 -29.76
C26 CLR O . 19.42 14.93 -29.52
C27 CLR O . 19.50 13.15 -31.24
O1 CLR O . 34.03 5.27 -28.74
C1 CLR P . 29.35 4.66 -32.33
C2 CLR P . 30.75 3.97 -32.50
C3 CLR P . 30.52 2.45 -32.75
C4 CLR P . 29.64 2.09 -33.96
C5 CLR P . 28.36 2.90 -33.76
C6 CLR P . 27.26 2.22 -33.77
C7 CLR P . 25.93 2.93 -33.56
C8 CLR P . 25.96 4.40 -33.99
C9 CLR P . 27.01 5.05 -33.34
C10 CLR P . 28.43 4.42 -33.56
C11 CLR P . 27.05 6.63 -33.68
C12 CLR P . 25.63 7.29 -33.39
C13 CLR P . 24.56 6.56 -34.21
C14 CLR P . 24.58 5.06 -33.72
C15 CLR P . 23.34 4.46 -34.39
C16 CLR P . 22.33 5.61 -34.15
C17 CLR P . 23.05 6.95 -34.03
C18 CLR P . 24.96 6.60 -35.73
C19 CLR P . 29.07 5.07 -34.83
C20 CLR P . 22.43 7.93 -35.07
C21 CLR P . 23.16 9.30 -34.94
C22 CLR P . 20.95 8.12 -34.73
C23 CLR P . 20.20 9.04 -35.68
C24 CLR P . 18.75 9.06 -35.16
C25 CLR P . 17.82 9.94 -36.00
C26 CLR P . 16.43 9.88 -35.40
C27 CLR P . 18.28 11.40 -35.96
O1 CLR P . 31.78 1.78 -32.88
#